data_7EDW
# 
_entry.id   7EDW 
# 
_audit_conform.dict_name       mmcif_pdbx.dic 
_audit_conform.dict_version    5.392 
_audit_conform.dict_location   http://mmcif.pdb.org/dictionaries/ascii/mmcif_pdbx.dic 
# 
loop_
_database_2.database_id 
_database_2.database_code 
_database_2.pdbx_database_accession 
_database_2.pdbx_DOI 
PDB   7EDW         pdb_00007edw 10.2210/pdb7edw/pdb 
WWPDB D_1300021240 ?            ?                   
# 
loop_
_pdbx_audit_revision_history.ordinal 
_pdbx_audit_revision_history.data_content_type 
_pdbx_audit_revision_history.major_revision 
_pdbx_audit_revision_history.minor_revision 
_pdbx_audit_revision_history.revision_date 
1 'Structure model' 1 0 2022-03-23 
2 'Structure model' 1 1 2024-05-29 
# 
_pdbx_audit_revision_details.ordinal             1 
_pdbx_audit_revision_details.revision_ordinal    1 
_pdbx_audit_revision_details.data_content_type   'Structure model' 
_pdbx_audit_revision_details.provider            repository 
_pdbx_audit_revision_details.type                'Initial release' 
_pdbx_audit_revision_details.description         ? 
_pdbx_audit_revision_details.details             ? 
# 
_pdbx_audit_revision_group.ordinal             1 
_pdbx_audit_revision_group.revision_ordinal    2 
_pdbx_audit_revision_group.data_content_type   'Structure model' 
_pdbx_audit_revision_group.group               'Data collection' 
# 
loop_
_pdbx_audit_revision_category.ordinal 
_pdbx_audit_revision_category.revision_ordinal 
_pdbx_audit_revision_category.data_content_type 
_pdbx_audit_revision_category.category 
1 2 'Structure model' chem_comp_atom 
2 2 'Structure model' chem_comp_bond 
# 
_pdbx_database_status.status_code                     REL 
_pdbx_database_status.status_code_sf                  REL 
_pdbx_database_status.status_code_mr                  ? 
_pdbx_database_status.entry_id                        7EDW 
_pdbx_database_status.recvd_initial_deposition_date   2021-03-17 
_pdbx_database_status.SG_entry                        N 
_pdbx_database_status.deposit_site                    PDBJ 
_pdbx_database_status.process_site                    PDBJ 
_pdbx_database_status.status_code_cs                  ? 
_pdbx_database_status.status_code_nmr_data            ? 
_pdbx_database_status.methods_development_category    ? 
_pdbx_database_status.pdb_format_compatible           Y 
# 
loop_
_audit_author.name 
_audit_author.pdbx_ordinal 
_audit_author.identifier_ORCID 
'Kondo, J.' 1 0000-0002-5682-3685 
'Iwase, E.' 2 ?                   
# 
_citation.abstract                  ? 
_citation.abstract_id_CAS           ? 
_citation.book_id_ISBN              ? 
_citation.book_publisher            ? 
_citation.book_publisher_city       ? 
_citation.book_title                ? 
_citation.coordinate_linkage        ? 
_citation.country                   ? 
_citation.database_id_Medline       ? 
_citation.details                   ? 
_citation.id                        primary 
_citation.journal_abbrev            'To Be Published' 
_citation.journal_id_ASTM           ? 
_citation.journal_id_CSD            0353 
_citation.journal_id_ISSN           ? 
_citation.journal_full              ? 
_citation.journal_issue             ? 
_citation.journal_volume            ? 
_citation.language                  ? 
_citation.page_first                ? 
_citation.page_last                 ? 
_citation.title                     'DNA duplex containing T-T base pairs in complex with Au(III)' 
_citation.year                      ? 
_citation.database_id_CSD           ? 
_citation.pdbx_database_id_DOI      ? 
_citation.pdbx_database_id_PubMed   ? 
_citation.pdbx_database_id_patent   ? 
_citation.unpublished_flag          ? 
# 
loop_
_citation_author.citation_id 
_citation_author.name 
_citation_author.ordinal 
_citation_author.identifier_ORCID 
primary 'Kondo, J.' 1 0000-0002-5682-3685 
primary 'Iwase, E.' 2 ?                   
# 
loop_
_entity.id 
_entity.type 
_entity.src_method 
_entity.pdbx_description 
_entity.formula_weight 
_entity.pdbx_number_of_molecules 
_entity.pdbx_ec 
_entity.pdbx_mutation 
_entity.pdbx_fragment 
_entity.details 
1 polymer     syn 
;DNA (5'-D(*GP*GP*AP*CP*CP*TP*TP*GP*GP*TP*CP*C)-3')
;
3654.378 2  ? ? ? ? 
2 non-polymer syn 'GOLD ION'                                           196.967  3  ? ? ? ? 
3 water       nat water                                                18.015   55 ? ? ? ? 
# 
_entity_poly.entity_id                      1 
_entity_poly.type                           polydeoxyribonucleotide 
_entity_poly.nstd_linkage                   no 
_entity_poly.nstd_monomer                   no 
_entity_poly.pdbx_seq_one_letter_code       '(DG)(DG)(DA)(DC)(DC)(DT)(DT)(DG)(DG)(DT)(DC)(DC)' 
_entity_poly.pdbx_seq_one_letter_code_can   GGACCTTGGTCC 
_entity_poly.pdbx_strand_id                 A,B 
_entity_poly.pdbx_target_identifier         ? 
# 
loop_
_pdbx_entity_nonpoly.entity_id 
_pdbx_entity_nonpoly.name 
_pdbx_entity_nonpoly.comp_id 
2 'GOLD ION' AU  
3 water      HOH 
# 
loop_
_entity_poly_seq.entity_id 
_entity_poly_seq.num 
_entity_poly_seq.mon_id 
_entity_poly_seq.hetero 
1 1  DG n 
1 2  DG n 
1 3  DA n 
1 4  DC n 
1 5  DC n 
1 6  DT n 
1 7  DT n 
1 8  DG n 
1 9  DG n 
1 10 DT n 
1 11 DC n 
1 12 DC n 
# 
_pdbx_entity_src_syn.entity_id              1 
_pdbx_entity_src_syn.pdbx_src_id            1 
_pdbx_entity_src_syn.pdbx_alt_source_flag   sample 
_pdbx_entity_src_syn.pdbx_beg_seq_num       1 
_pdbx_entity_src_syn.pdbx_end_seq_num       12 
_pdbx_entity_src_syn.organism_scientific    'synthetic construct' 
_pdbx_entity_src_syn.organism_common_name   ? 
_pdbx_entity_src_syn.ncbi_taxonomy_id       32630 
_pdbx_entity_src_syn.details                ? 
# 
loop_
_chem_comp.id 
_chem_comp.type 
_chem_comp.mon_nstd_flag 
_chem_comp.name 
_chem_comp.pdbx_synonyms 
_chem_comp.formula 
_chem_comp.formula_weight 
AU  non-polymer   . 'GOLD ION'                           ? 'Au 1'            196.967 
DA  'DNA linking' y "2'-DEOXYADENOSINE-5'-MONOPHOSPHATE" ? 'C10 H14 N5 O6 P' 331.222 
DC  'DNA linking' y "2'-DEOXYCYTIDINE-5'-MONOPHOSPHATE"  ? 'C9 H14 N3 O7 P'  307.197 
DG  'DNA linking' y "2'-DEOXYGUANOSINE-5'-MONOPHOSPHATE" ? 'C10 H14 N5 O7 P' 347.221 
DT  'DNA linking' y "THYMIDINE-5'-MONOPHOSPHATE"         ? 'C10 H15 N2 O8 P' 322.208 
HOH non-polymer   . WATER                                ? 'H2 O'            18.015  
# 
loop_
_pdbx_poly_seq_scheme.asym_id 
_pdbx_poly_seq_scheme.entity_id 
_pdbx_poly_seq_scheme.seq_id 
_pdbx_poly_seq_scheme.mon_id 
_pdbx_poly_seq_scheme.ndb_seq_num 
_pdbx_poly_seq_scheme.pdb_seq_num 
_pdbx_poly_seq_scheme.auth_seq_num 
_pdbx_poly_seq_scheme.pdb_mon_id 
_pdbx_poly_seq_scheme.auth_mon_id 
_pdbx_poly_seq_scheme.pdb_strand_id 
_pdbx_poly_seq_scheme.pdb_ins_code 
_pdbx_poly_seq_scheme.hetero 
A 1 1  DG 1  1  1  DG DG A . n 
A 1 2  DG 2  2  2  DG DG A . n 
A 1 3  DA 3  3  3  DA DA A . n 
A 1 4  DC 4  4  4  DC DC A . n 
A 1 5  DC 5  5  5  DC DC A . n 
A 1 6  DT 6  6  6  DT DT A . n 
A 1 7  DT 7  7  7  DT DT A . n 
A 1 8  DG 8  8  8  DG DG A . n 
A 1 9  DG 9  9  9  DG DG A . n 
A 1 10 DT 10 10 10 DT DT A . n 
A 1 11 DC 11 11 11 DC DC A . n 
A 1 12 DC 12 12 12 DC DC A . n 
B 1 1  DG 1  13 13 DG DG B . n 
B 1 2  DG 2  14 14 DG DG B . n 
B 1 3  DA 3  15 15 DA DA B . n 
B 1 4  DC 4  16 16 DC DC B . n 
B 1 5  DC 5  17 17 DC DC B . n 
B 1 6  DT 6  18 18 DT DT B . n 
B 1 7  DT 7  19 19 DT DT B . n 
B 1 8  DG 8  20 20 DG DG B . n 
B 1 9  DG 9  21 21 DG DG B . n 
B 1 10 DT 10 22 22 DT DT B . n 
B 1 11 DC 11 23 23 DC DC B . n 
B 1 12 DC 12 24 24 DC DC B . n 
# 
loop_
_pdbx_nonpoly_scheme.asym_id 
_pdbx_nonpoly_scheme.entity_id 
_pdbx_nonpoly_scheme.mon_id 
_pdbx_nonpoly_scheme.ndb_seq_num 
_pdbx_nonpoly_scheme.pdb_seq_num 
_pdbx_nonpoly_scheme.auth_seq_num 
_pdbx_nonpoly_scheme.pdb_mon_id 
_pdbx_nonpoly_scheme.auth_mon_id 
_pdbx_nonpoly_scheme.pdb_strand_id 
_pdbx_nonpoly_scheme.pdb_ins_code 
C 2 AU  1  101 2  AU  AU  A . 
D 2 AU  1  102 3  AU  AU  A . 
E 2 AU  1  101 1  AU  AU  B . 
F 3 HOH 1  201 14 HOH HOH A . 
F 3 HOH 2  202 4  HOH HOH A . 
F 3 HOH 3  203 19 HOH HOH A . 
F 3 HOH 4  204 13 HOH HOH A . 
F 3 HOH 5  205 26 HOH HOH A . 
F 3 HOH 6  206 5  HOH HOH A . 
F 3 HOH 7  207 62 HOH HOH A . 
F 3 HOH 8  208 35 HOH HOH A . 
F 3 HOH 9  209 29 HOH HOH A . 
F 3 HOH 10 210 16 HOH HOH A . 
F 3 HOH 11 211 1  HOH HOH A . 
F 3 HOH 12 212 61 HOH HOH A . 
F 3 HOH 13 213 43 HOH HOH A . 
F 3 HOH 14 214 57 HOH HOH A . 
F 3 HOH 15 215 55 HOH HOH A . 
F 3 HOH 16 216 22 HOH HOH A . 
F 3 HOH 17 217 58 HOH HOH A . 
F 3 HOH 18 218 12 HOH HOH A . 
F 3 HOH 19 219 7  HOH HOH A . 
F 3 HOH 20 220 24 HOH HOH A . 
F 3 HOH 21 221 27 HOH HOH A . 
F 3 HOH 22 222 42 HOH HOH A . 
F 3 HOH 23 223 53 HOH HOH A . 
F 3 HOH 24 224 67 HOH HOH A . 
F 3 HOH 25 225 66 HOH HOH A . 
G 3 HOH 1  201 28 HOH HOH B . 
G 3 HOH 2  202 10 HOH HOH B . 
G 3 HOH 3  203 63 HOH HOH B . 
G 3 HOH 4  204 34 HOH HOH B . 
G 3 HOH 5  205 6  HOH HOH B . 
G 3 HOH 6  206 44 HOH HOH B . 
G 3 HOH 7  207 3  HOH HOH B . 
G 3 HOH 8  208 40 HOH HOH B . 
G 3 HOH 9  209 56 HOH HOH B . 
G 3 HOH 10 210 8  HOH HOH B . 
G 3 HOH 11 211 15 HOH HOH B . 
G 3 HOH 12 212 30 HOH HOH B . 
G 3 HOH 13 213 51 HOH HOH B . 
G 3 HOH 14 214 52 HOH HOH B . 
G 3 HOH 15 215 25 HOH HOH B . 
G 3 HOH 16 216 2  HOH HOH B . 
G 3 HOH 17 217 31 HOH HOH B . 
G 3 HOH 18 218 59 HOH HOH B . 
G 3 HOH 19 219 21 HOH HOH B . 
G 3 HOH 20 220 18 HOH HOH B . 
G 3 HOH 21 221 9  HOH HOH B . 
G 3 HOH 22 222 20 HOH HOH B . 
G 3 HOH 23 223 17 HOH HOH B . 
G 3 HOH 24 224 48 HOH HOH B . 
G 3 HOH 25 225 47 HOH HOH B . 
G 3 HOH 26 226 38 HOH HOH B . 
G 3 HOH 27 227 54 HOH HOH B . 
G 3 HOH 28 228 11 HOH HOH B . 
G 3 HOH 29 229 36 HOH HOH B . 
G 3 HOH 30 230 41 HOH HOH B . 
# 
loop_
_software.citation_id 
_software.classification 
_software.compiler_name 
_software.compiler_version 
_software.contact_author 
_software.contact_author_email 
_software.date 
_software.description 
_software.dependencies 
_software.hardware 
_software.language 
_software.location 
_software.mods 
_software.name 
_software.os 
_software.os_version 
_software.type 
_software.version 
_software.pdbx_ordinal 
? refinement       ? ? ? ? ? ? ? ? ? ? ? PHENIX  ? ? ? 1.17.1 1 
? 'data scaling'   ? ? ? ? ? ? ? ? ? ? ? XSCALE  ? ? ? .      2 
? 'data reduction' ? ? ? ? ? ? ? ? ? ? ? XDS     ? ? ? .      3 
? phasing          ? ? ? ? ? ? ? ? ? ? ? AutoSol ? ? ? .      4 
# 
_cell.angle_alpha                  90.000 
_cell.angle_alpha_esd              ? 
_cell.angle_beta                   90.000 
_cell.angle_beta_esd               ? 
_cell.angle_gamma                  90.000 
_cell.angle_gamma_esd              ? 
_cell.entry_id                     7EDW 
_cell.details                      ? 
_cell.formula_units_Z              ? 
_cell.length_a                     37.076 
_cell.length_a_esd                 ? 
_cell.length_b                     42.800 
_cell.length_b_esd                 ? 
_cell.length_c                     67.383 
_cell.length_c_esd                 ? 
_cell.volume                       ? 
_cell.volume_esd                   ? 
_cell.Z_PDB                        8 
_cell.reciprocal_angle_alpha       ? 
_cell.reciprocal_angle_beta        ? 
_cell.reciprocal_angle_gamma       ? 
_cell.reciprocal_angle_alpha_esd   ? 
_cell.reciprocal_angle_beta_esd    ? 
_cell.reciprocal_angle_gamma_esd   ? 
_cell.reciprocal_length_a          ? 
_cell.reciprocal_length_b          ? 
_cell.reciprocal_length_c          ? 
_cell.reciprocal_length_a_esd      ? 
_cell.reciprocal_length_b_esd      ? 
_cell.reciprocal_length_c_esd      ? 
_cell.pdbx_unique_axis             ? 
# 
_symmetry.entry_id                         7EDW 
_symmetry.cell_setting                     ? 
_symmetry.Int_Tables_number                19 
_symmetry.space_group_name_Hall            ? 
_symmetry.space_group_name_H-M             'P 21 21 21' 
_symmetry.pdbx_full_space_group_name_H-M   ? 
# 
_exptl.absorpt_coefficient_mu     ? 
_exptl.absorpt_correction_T_max   ? 
_exptl.absorpt_correction_T_min   ? 
_exptl.absorpt_correction_type    ? 
_exptl.absorpt_process_details    ? 
_exptl.entry_id                   7EDW 
_exptl.crystals_number            1 
_exptl.details                    ? 
_exptl.method                     'X-RAY DIFFRACTION' 
_exptl.method_details             ? 
# 
_exptl_crystal.colour                      ? 
_exptl_crystal.density_diffrn              ? 
_exptl_crystal.density_Matthews            3.66 
_exptl_crystal.density_method              ? 
_exptl_crystal.density_percent_sol         66.37 
_exptl_crystal.description                 ? 
_exptl_crystal.F_000                       ? 
_exptl_crystal.id                          1 
_exptl_crystal.preparation                 ? 
_exptl_crystal.size_max                    ? 
_exptl_crystal.size_mid                    ? 
_exptl_crystal.size_min                    ? 
_exptl_crystal.size_rad                    ? 
_exptl_crystal.colour_lustre               ? 
_exptl_crystal.colour_modifier             ? 
_exptl_crystal.colour_primary              ? 
_exptl_crystal.density_meas                ? 
_exptl_crystal.density_meas_esd            ? 
_exptl_crystal.density_meas_gt             ? 
_exptl_crystal.density_meas_lt             ? 
_exptl_crystal.density_meas_temp           ? 
_exptl_crystal.density_meas_temp_esd       ? 
_exptl_crystal.density_meas_temp_gt        ? 
_exptl_crystal.density_meas_temp_lt        ? 
_exptl_crystal.pdbx_crystal_image_url      ? 
_exptl_crystal.pdbx_crystal_image_format   ? 
_exptl_crystal.pdbx_mosaicity              ? 
_exptl_crystal.pdbx_mosaicity_esd          ? 
# 
_exptl_crystal_grow.apparatus       ? 
_exptl_crystal_grow.atmosphere      ? 
_exptl_crystal_grow.crystal_id      1 
_exptl_crystal_grow.details         ? 
_exptl_crystal_grow.method          'VAPOR DIFFUSION, HANGING DROP' 
_exptl_crystal_grow.method_ref      ? 
_exptl_crystal_grow.pH              ? 
_exptl_crystal_grow.pressure        ? 
_exptl_crystal_grow.pressure_esd    ? 
_exptl_crystal_grow.seeding         ? 
_exptl_crystal_grow.seeding_ref     ? 
_exptl_crystal_grow.temp            293 
_exptl_crystal_grow.temp_details    ? 
_exptl_crystal_grow.temp_esd        ? 
_exptl_crystal_grow.time            ? 
_exptl_crystal_grow.pdbx_details    'sodium cacodylate, MPD, spermine tetrahydrochloride, gold chloride' 
_exptl_crystal_grow.pdbx_pH_range   ? 
# 
_diffrn.ambient_environment              ? 
_diffrn.ambient_temp                     100 
_diffrn.ambient_temp_details             ? 
_diffrn.ambient_temp_esd                 ? 
_diffrn.crystal_id                       1 
_diffrn.crystal_support                  ? 
_diffrn.crystal_treatment                ? 
_diffrn.details                          ? 
_diffrn.id                               1 
_diffrn.ambient_pressure                 ? 
_diffrn.ambient_pressure_esd             ? 
_diffrn.ambient_pressure_gt              ? 
_diffrn.ambient_pressure_lt              ? 
_diffrn.ambient_temp_gt                  ? 
_diffrn.ambient_temp_lt                  ? 
_diffrn.pdbx_serial_crystal_experiment   N 
# 
_diffrn_detector.details                      ? 
_diffrn_detector.detector                     PIXEL 
_diffrn_detector.diffrn_id                    1 
_diffrn_detector.type                         'DECTRIS PILATUS3 6M' 
_diffrn_detector.area_resol_mean              ? 
_diffrn_detector.dtime                        ? 
_diffrn_detector.pdbx_frames_total            ? 
_diffrn_detector.pdbx_collection_time_total   ? 
_diffrn_detector.pdbx_collection_date         2018-03-15 
_diffrn_detector.pdbx_frequency               ? 
# 
_diffrn_radiation.collimation                      ? 
_diffrn_radiation.diffrn_id                        1 
_diffrn_radiation.filter_edge                      ? 
_diffrn_radiation.inhomogeneity                    ? 
_diffrn_radiation.monochromator                    ? 
_diffrn_radiation.polarisn_norm                    ? 
_diffrn_radiation.polarisn_ratio                   ? 
_diffrn_radiation.probe                            ? 
_diffrn_radiation.type                             ? 
_diffrn_radiation.xray_symbol                      ? 
_diffrn_radiation.wavelength_id                    1 
_diffrn_radiation.pdbx_monochromatic_or_laue_m_l   M 
_diffrn_radiation.pdbx_wavelength_list             ? 
_diffrn_radiation.pdbx_wavelength                  ? 
_diffrn_radiation.pdbx_diffrn_protocol             'SINGLE WAVELENGTH' 
_diffrn_radiation.pdbx_analyzer                    ? 
_diffrn_radiation.pdbx_scattering_type             x-ray 
# 
_diffrn_radiation_wavelength.id           1 
_diffrn_radiation_wavelength.wavelength   1.03932 
_diffrn_radiation_wavelength.wt           1.0 
# 
_diffrn_source.current                     ? 
_diffrn_source.details                     ? 
_diffrn_source.diffrn_id                   1 
_diffrn_source.power                       ? 
_diffrn_source.size                        ? 
_diffrn_source.source                      SYNCHROTRON 
_diffrn_source.target                      ? 
_diffrn_source.type                        'PHOTON FACTORY BEAMLINE BL-17A' 
_diffrn_source.voltage                     ? 
_diffrn_source.take-off_angle              ? 
_diffrn_source.pdbx_wavelength_list        1.03932 
_diffrn_source.pdbx_wavelength             ? 
_diffrn_source.pdbx_synchrotron_beamline   BL-17A 
_diffrn_source.pdbx_synchrotron_site       'Photon Factory' 
# 
_reflns.B_iso_Wilson_estimate            41.673 
_reflns.entry_id                         7EDW 
_reflns.data_reduction_details           ? 
_reflns.data_reduction_method            ? 
_reflns.d_resolution_high                2.000 
_reflns.d_resolution_low                 28.020 
_reflns.details                          ? 
_reflns.limit_h_max                      ? 
_reflns.limit_h_min                      ? 
_reflns.limit_k_max                      ? 
_reflns.limit_k_min                      ? 
_reflns.limit_l_max                      ? 
_reflns.limit_l_min                      ? 
_reflns.number_all                       ? 
_reflns.number_obs                       12947 
_reflns.observed_criterion               ? 
_reflns.observed_criterion_F_max         ? 
_reflns.observed_criterion_F_min         ? 
_reflns.observed_criterion_I_max         ? 
_reflns.observed_criterion_I_min         ? 
_reflns.observed_criterion_sigma_F       ? 
_reflns.observed_criterion_sigma_I       ? 
_reflns.percent_possible_obs             92.500 
_reflns.R_free_details                   ? 
_reflns.Rmerge_F_all                     ? 
_reflns.Rmerge_F_obs                     ? 
_reflns.Friedel_coverage                 ? 
_reflns.number_gt                        ? 
_reflns.threshold_expression             ? 
_reflns.pdbx_redundancy                  2.431 
_reflns.pdbx_Rmerge_I_obs                0.039 
_reflns.pdbx_Rmerge_I_all                ? 
_reflns.pdbx_Rsym_value                  ? 
_reflns.pdbx_netI_over_av_sigmaI         ? 
_reflns.pdbx_netI_over_sigmaI            14.630 
_reflns.pdbx_res_netI_over_av_sigmaI_2   ? 
_reflns.pdbx_res_netI_over_sigmaI_2      ? 
_reflns.pdbx_chi_squared                 2.288 
_reflns.pdbx_scaling_rejects             ? 
_reflns.pdbx_d_res_high_opt              ? 
_reflns.pdbx_d_res_low_opt               ? 
_reflns.pdbx_d_res_opt_method            ? 
_reflns.phase_calculation_details        ? 
_reflns.pdbx_Rrim_I_all                  0.047 
_reflns.pdbx_Rpim_I_all                  ? 
_reflns.pdbx_d_opt                       ? 
_reflns.pdbx_number_measured_all         31469 
_reflns.pdbx_diffrn_id                   1 
_reflns.pdbx_ordinal                     1 
_reflns.pdbx_CC_half                     0.998 
_reflns.pdbx_CC_star                     ? 
_reflns.pdbx_R_split                     ? 
# 
loop_
_reflns_shell.d_res_high 
_reflns_shell.d_res_low 
_reflns_shell.meanI_over_sigI_all 
_reflns_shell.meanI_over_sigI_obs 
_reflns_shell.number_measured_all 
_reflns_shell.number_measured_obs 
_reflns_shell.number_possible 
_reflns_shell.number_unique_all 
_reflns_shell.number_unique_obs 
_reflns_shell.percent_possible_all 
_reflns_shell.percent_possible_obs 
_reflns_shell.Rmerge_F_all 
_reflns_shell.Rmerge_F_obs 
_reflns_shell.Rmerge_I_all 
_reflns_shell.Rmerge_I_obs 
_reflns_shell.meanI_over_sigI_gt 
_reflns_shell.meanI_over_uI_all 
_reflns_shell.meanI_over_uI_gt 
_reflns_shell.number_measured_gt 
_reflns_shell.number_unique_gt 
_reflns_shell.percent_possible_gt 
_reflns_shell.Rmerge_F_gt 
_reflns_shell.Rmerge_I_gt 
_reflns_shell.pdbx_redundancy 
_reflns_shell.pdbx_Rsym_value 
_reflns_shell.pdbx_chi_squared 
_reflns_shell.pdbx_netI_over_sigmaI_all 
_reflns_shell.pdbx_netI_over_sigmaI_obs 
_reflns_shell.pdbx_Rrim_I_all 
_reflns_shell.pdbx_Rpim_I_all 
_reflns_shell.pdbx_rejects 
_reflns_shell.pdbx_ordinal 
_reflns_shell.pdbx_diffrn_id 
_reflns_shell.pdbx_CC_half 
_reflns_shell.pdbx_CC_star 
_reflns_shell.pdbx_R_split 
2.000 2.050  ? 3.600  ? 2259 1055 ? 975 92.400 ? ? ? ? 0.312 ? ? ? ? ? ? ? ? 2.317 ? ? ? ? 0.389 ? ? 1  1 0.814 ? ? 
2.050 2.110  ? 4.050  ? 2108 996  ? 928 93.200 ? ? ? ? 0.255 ? ? ? ? ? ? ? ? 2.272 ? ? ? ? 0.320 ? ? 2  1 0.881 ? ? 
2.110 2.170  ? 5.310  ? 2254 1006 ? 965 95.900 ? ? ? ? 0.205 ? ? ? ? ? ? ? ? 2.336 ? ? ? ? 0.255 ? ? 3  1 0.936 ? ? 
2.170 2.240  ? 6.930  ? 2081 920  ? 880 95.700 ? ? ? ? 0.148 ? ? ? ? ? ? ? ? 2.365 ? ? ? ? 0.182 ? ? 4  1 0.963 ? ? 
2.240 2.310  ? 7.540  ? 2232 932  ? 881 94.500 ? ? ? ? 0.142 ? ? ? ? ? ? ? ? 2.533 ? ? ? ? 0.174 ? ? 5  1 0.971 ? ? 
2.310 2.390  ? 9.550  ? 2048 892  ? 844 94.600 ? ? ? ? 0.104 ? ? ? ? ? ? ? ? 2.427 ? ? ? ? 0.127 ? ? 6  1 0.989 ? ? 
2.390 2.480  ? 10.360 ? 2053 868  ? 823 94.800 ? ? ? ? 0.092 ? ? ? ? ? ? ? ? 2.495 ? ? ? ? 0.112 ? ? 7  1 0.991 ? ? 
2.480 2.580  ? 12.150 ? 1926 835  ? 783 93.800 ? ? ? ? 0.079 ? ? ? ? ? ? ? ? 2.460 ? ? ? ? 0.097 ? ? 8  1 0.992 ? ? 
2.580 2.700  ? 13.180 ? 1700 788  ? 713 90.500 ? ? ? ? 0.070 ? ? ? ? ? ? ? ? 2.384 ? ? ? ? 0.086 ? ? 9  1 0.993 ? ? 
2.700 2.830  ? 16.700 ? 1724 767  ? 718 93.600 ? ? ? ? 0.054 ? ? ? ? ? ? ? ? 2.401 ? ? ? ? 0.066 ? ? 10 1 0.995 ? ? 
2.830 2.980  ? 19.680 ? 1677 708  ? 662 93.500 ? ? ? ? 0.041 ? ? ? ? ? ? ? ? 2.533 ? ? ? ? 0.050 ? ? 11 1 0.997 ? ? 
2.980 3.160  ? 23.010 ? 1621 682  ? 627 91.900 ? ? ? ? 0.036 ? ? ? ? ? ? ? ? 2.585 ? ? ? ? 0.044 ? ? 12 1 0.997 ? ? 
3.160 3.380  ? 25.100 ? 1476 656  ? 596 90.900 ? ? ? ? 0.034 ? ? ? ? ? ? ? ? 2.477 ? ? ? ? 0.042 ? ? 13 1 0.997 ? ? 
3.380 3.650  ? 26.990 ? 1291 601  ? 539 89.700 ? ? ? ? 0.033 ? ? ? ? ? ? ? ? 2.395 ? ? ? ? 0.041 ? ? 14 1 0.997 ? ? 
3.650 4.000  ? 27.250 ? 1146 554  ? 485 87.500 ? ? ? ? 0.032 ? ? ? ? ? ? ? ? 2.363 ? ? ? ? 0.041 ? ? 15 1 0.996 ? ? 
4.000 4.470  ? 29.300 ? 1051 485  ? 430 88.700 ? ? ? ? 0.025 ? ? ? ? ? ? ? ? 2.444 ? ? ? ? 0.030 ? ? 16 1 0.998 ? ? 
4.470 5.160  ? 30.910 ? 1066 451  ? 405 89.800 ? ? ? ? 0.027 ? ? ? ? ? ? ? ? 2.632 ? ? ? ? 0.033 ? ? 17 1 0.998 ? ? 
5.160 6.330  ? 30.470 ? 832  366  ? 318 86.900 ? ? ? ? 0.027 ? ? ? ? ? ? ? ? 2.616 ? ? ? ? 0.032 ? ? 18 1 0.999 ? ? 
6.330 8.950  ? 30.350 ? 567  283  ? 242 85.500 ? ? ? ? 0.030 ? ? ? ? ? ? ? ? 2.343 ? ? ? ? 0.037 ? ? 19 1 0.998 ? ? 
8.950 28.020 ? 33.040 ? 357  156  ? 133 85.300 ? ? ? ? 0.035 ? ? ? ? ? ? ? ? 2.684 ? ? ? ? 0.042 ? ? 20 1 0.997 ? ? 
# 
_refine.aniso_B[1][1]                            ? 
_refine.aniso_B[1][2]                            ? 
_refine.aniso_B[1][3]                            ? 
_refine.aniso_B[2][2]                            ? 
_refine.aniso_B[2][3]                            ? 
_refine.aniso_B[3][3]                            ? 
_refine.B_iso_max                                64.040 
_refine.B_iso_mean                               36.5332 
_refine.B_iso_min                                26.070 
_refine.correlation_coeff_Fo_to_Fc               ? 
_refine.correlation_coeff_Fo_to_Fc_free          ? 
_refine.details                                  ? 
_refine.diff_density_max                         ? 
_refine.diff_density_max_esd                     ? 
_refine.diff_density_min                         ? 
_refine.diff_density_min_esd                     ? 
_refine.diff_density_rms                         ? 
_refine.diff_density_rms_esd                     ? 
_refine.entry_id                                 7EDW 
_refine.pdbx_refine_id                           'X-RAY DIFFRACTION' 
_refine.ls_abs_structure_details                 ? 
_refine.ls_abs_structure_Flack                   ? 
_refine.ls_abs_structure_Flack_esd               ? 
_refine.ls_abs_structure_Rogers                  ? 
_refine.ls_abs_structure_Rogers_esd              ? 
_refine.ls_d_res_high                            2.0000 
_refine.ls_d_res_low                             28.0200 
_refine.ls_extinction_coef                       ? 
_refine.ls_extinction_coef_esd                   ? 
_refine.ls_extinction_expression                 ? 
_refine.ls_extinction_method                     ? 
_refine.ls_goodness_of_fit_all                   ? 
_refine.ls_goodness_of_fit_all_esd               ? 
_refine.ls_goodness_of_fit_obs                   ? 
_refine.ls_goodness_of_fit_obs_esd               ? 
_refine.ls_hydrogen_treatment                    ? 
_refine.ls_matrix_type                           ? 
_refine.ls_number_constraints                    ? 
_refine.ls_number_parameters                     ? 
_refine.ls_number_reflns_all                     ? 
_refine.ls_number_reflns_obs                     12945 
_refine.ls_number_reflns_R_free                  1299 
_refine.ls_number_reflns_R_work                  11646 
_refine.ls_number_restraints                     ? 
_refine.ls_percent_reflns_obs                    92.4600 
_refine.ls_percent_reflns_R_free                 10.0300 
_refine.ls_R_factor_all                          ? 
_refine.ls_R_factor_obs                          0.1671 
_refine.ls_R_factor_R_free                       0.1865 
_refine.ls_R_factor_R_free_error                 ? 
_refine.ls_R_factor_R_free_error_details         ? 
_refine.ls_R_factor_R_work                       0.1648 
_refine.ls_R_Fsqd_factor_obs                     ? 
_refine.ls_R_I_factor_obs                        ? 
_refine.ls_redundancy_reflns_all                 ? 
_refine.ls_redundancy_reflns_obs                 ? 
_refine.ls_restrained_S_all                      ? 
_refine.ls_restrained_S_obs                      ? 
_refine.ls_shift_over_esd_max                    ? 
_refine.ls_shift_over_esd_mean                   ? 
_refine.ls_structure_factor_coef                 ? 
_refine.ls_weighting_details                     ? 
_refine.ls_weighting_scheme                      ? 
_refine.ls_wR_factor_all                         ? 
_refine.ls_wR_factor_obs                         ? 
_refine.ls_wR_factor_R_free                      ? 
_refine.ls_wR_factor_R_work                      ? 
_refine.occupancy_max                            ? 
_refine.occupancy_min                            ? 
_refine.solvent_model_details                    'FLAT BULK SOLVENT MODEL' 
_refine.solvent_model_param_bsol                 ? 
_refine.solvent_model_param_ksol                 ? 
_refine.pdbx_R_complete                          ? 
_refine.ls_R_factor_gt                           ? 
_refine.ls_goodness_of_fit_gt                    ? 
_refine.ls_goodness_of_fit_ref                   ? 
_refine.ls_shift_over_su_max                     ? 
_refine.ls_shift_over_su_max_lt                  ? 
_refine.ls_shift_over_su_mean                    ? 
_refine.ls_shift_over_su_mean_lt                 ? 
_refine.pdbx_ls_sigma_I                          ? 
_refine.pdbx_ls_sigma_F                          1.380 
_refine.pdbx_ls_sigma_Fsqd                       ? 
_refine.pdbx_data_cutoff_high_absF               ? 
_refine.pdbx_data_cutoff_high_rms_absF           ? 
_refine.pdbx_data_cutoff_low_absF                ? 
_refine.pdbx_isotropic_thermal_model             ? 
_refine.pdbx_ls_cross_valid_method               THROUGHOUT 
_refine.pdbx_method_to_determine_struct          SAD 
_refine.pdbx_starting_model                      ? 
_refine.pdbx_stereochemistry_target_values       ML 
_refine.pdbx_R_Free_selection_details            ? 
_refine.pdbx_stereochem_target_val_spec_case     ? 
_refine.pdbx_overall_ESU_R                       ? 
_refine.pdbx_overall_ESU_R_Free                  ? 
_refine.pdbx_solvent_vdw_probe_radii             1.1100 
_refine.pdbx_solvent_ion_probe_radii             ? 
_refine.pdbx_solvent_shrinkage_radii             0.9000 
_refine.pdbx_real_space_R                        ? 
_refine.pdbx_density_correlation                 ? 
_refine.pdbx_pd_number_of_powder_patterns        ? 
_refine.pdbx_pd_number_of_points                 ? 
_refine.pdbx_pd_meas_number_of_points            ? 
_refine.pdbx_pd_proc_ls_prof_R_factor            ? 
_refine.pdbx_pd_proc_ls_prof_wR_factor           ? 
_refine.pdbx_pd_Marquardt_correlation_coeff      ? 
_refine.pdbx_pd_Fsqrd_R_factor                   ? 
_refine.pdbx_pd_ls_matrix_band_width             ? 
_refine.pdbx_overall_phase_error                 20.2400 
_refine.pdbx_overall_SU_R_free_Cruickshank_DPI   ? 
_refine.pdbx_overall_SU_R_free_Blow_DPI          ? 
_refine.pdbx_overall_SU_R_Blow_DPI               ? 
_refine.pdbx_TLS_residual_ADP_flag               ? 
_refine.pdbx_diffrn_id                           1 
_refine.overall_SU_B                             ? 
_refine.overall_SU_ML                            0.1700 
_refine.overall_SU_R_Cruickshank_DPI             ? 
_refine.overall_SU_R_free                        ? 
_refine.overall_FOM_free_R_set                   ? 
_refine.overall_FOM_work_R_set                   ? 
_refine.pdbx_average_fsc_overall                 ? 
_refine.pdbx_average_fsc_work                    ? 
_refine.pdbx_average_fsc_free                    ? 
# 
_refine_hist.pdbx_refine_id                   'X-RAY DIFFRACTION' 
_refine_hist.cycle_id                         final 
_refine_hist.details                          ? 
_refine_hist.d_res_high                       2.0000 
_refine_hist.d_res_low                        28.0200 
_refine_hist.number_atoms_solvent             55 
_refine_hist.number_atoms_total               543 
_refine_hist.number_reflns_all                ? 
_refine_hist.number_reflns_obs                ? 
_refine_hist.number_reflns_R_free             ? 
_refine_hist.number_reflns_R_work             ? 
_refine_hist.R_factor_all                     ? 
_refine_hist.R_factor_obs                     ? 
_refine_hist.R_factor_R_free                  ? 
_refine_hist.R_factor_R_work                  ? 
_refine_hist.pdbx_number_residues_total       24 
_refine_hist.pdbx_B_iso_mean_ligand           42.38 
_refine_hist.pdbx_B_iso_mean_solvent          39.44 
_refine_hist.pdbx_number_atoms_protein        0 
_refine_hist.pdbx_number_atoms_nucleic_acid   484 
_refine_hist.pdbx_number_atoms_ligand         4 
_refine_hist.pdbx_number_atoms_lipid          ? 
_refine_hist.pdbx_number_atoms_carb           ? 
_refine_hist.pdbx_pseudo_atom_details         ? 
# 
loop_
_refine_ls_shell.pdbx_refine_id 
_refine_ls_shell.d_res_high 
_refine_ls_shell.d_res_low 
_refine_ls_shell.number_reflns_all 
_refine_ls_shell.number_reflns_obs 
_refine_ls_shell.number_reflns_R_free 
_refine_ls_shell.number_reflns_R_work 
_refine_ls_shell.percent_reflns_obs 
_refine_ls_shell.percent_reflns_R_free 
_refine_ls_shell.R_factor_all 
_refine_ls_shell.R_factor_obs 
_refine_ls_shell.R_factor_R_free 
_refine_ls_shell.R_factor_R_free_error 
_refine_ls_shell.R_factor_R_work 
_refine_ls_shell.redundancy_reflns_all 
_refine_ls_shell.redundancy_reflns_obs 
_refine_ls_shell.wR_factor_all 
_refine_ls_shell.wR_factor_obs 
_refine_ls_shell.wR_factor_R_free 
_refine_ls_shell.wR_factor_R_work 
_refine_ls_shell.pdbx_R_complete 
_refine_ls_shell.pdbx_total_number_of_bins_used 
_refine_ls_shell.pdbx_phase_error 
_refine_ls_shell.pdbx_fsc_work 
_refine_ls_shell.pdbx_fsc_free 
'X-RAY DIFFRACTION' 2.0000 2.0800  1433 . 146 1287 93.0000 . . . 0.2995 0.0000 0.2361 . . . . . . . 9 . . . 
'X-RAY DIFFRACTION' 2.0800 2.1700  1500 . 150 1350 95.0000 . . . 0.2345 0.0000 0.2048 . . . . . . . 9 . . . 
'X-RAY DIFFRACTION' 2.1700 2.2900  1465 . 145 1320 95.0000 . . . 0.1962 0.0000 0.1874 . . . . . . . 9 . . . 
'X-RAY DIFFRACTION' 2.2900 2.4300  1483 . 148 1335 94.0000 . . . 0.2505 0.0000 0.1842 . . . . . . . 9 . . . 
'X-RAY DIFFRACTION' 2.4300 2.6200  1432 . 148 1284 94.0000 . . . 0.2340 0.0000 0.1916 . . . . . . . 9 . . . 
'X-RAY DIFFRACTION' 2.6200 2.8800  1450 . 149 1301 93.0000 . . . 0.2582 0.0000 0.2098 . . . . . . . 9 . . . 
'X-RAY DIFFRACTION' 2.8800 3.3000  1439 . 140 1299 92.0000 . . . 0.2181 0.0000 0.1753 . . . . . . . 9 . . . 
'X-RAY DIFFRACTION' 3.3000 4.1600  1376 . 134 1242 89.0000 . . . 0.1280 0.0000 0.1436 . . . . . . . 9 . . . 
'X-RAY DIFFRACTION' 4.1600 28.0200 1367 . 139 1228 88.0000 . . . 0.1438 0.0000 0.1288 . . . . . . . 9 . . . 
# 
_struct.entry_id                     7EDW 
_struct.title                        'DNA duplex containing T-T base pairs in complex with Au(III)' 
_struct.pdbx_model_details           ? 
_struct.pdbx_formula_weight          ? 
_struct.pdbx_formula_weight_method   ? 
_struct.pdbx_model_type_details      ? 
_struct.pdbx_CASP_flag               N 
# 
_struct_keywords.entry_id        7EDW 
_struct_keywords.text            'Metal-mediated base pair, Gold, DNA' 
_struct_keywords.pdbx_keywords   DNA 
# 
loop_
_struct_asym.id 
_struct_asym.pdbx_blank_PDB_chainid_flag 
_struct_asym.pdbx_modified 
_struct_asym.entity_id 
_struct_asym.details 
A N N 1 ? 
B N N 1 ? 
C N N 2 ? 
D N N 2 ? 
E N N 2 ? 
F N N 3 ? 
G N N 3 ? 
# 
_struct_ref.id                         1 
_struct_ref.db_name                    PDB 
_struct_ref.db_code                    7EDW 
_struct_ref.pdbx_db_accession          7EDW 
_struct_ref.pdbx_db_isoform            ? 
_struct_ref.entity_id                  1 
_struct_ref.pdbx_seq_one_letter_code   ? 
_struct_ref.pdbx_align_begin           1 
# 
loop_
_struct_ref_seq.align_id 
_struct_ref_seq.ref_id 
_struct_ref_seq.pdbx_PDB_id_code 
_struct_ref_seq.pdbx_strand_id 
_struct_ref_seq.seq_align_beg 
_struct_ref_seq.pdbx_seq_align_beg_ins_code 
_struct_ref_seq.seq_align_end 
_struct_ref_seq.pdbx_seq_align_end_ins_code 
_struct_ref_seq.pdbx_db_accession 
_struct_ref_seq.db_align_beg 
_struct_ref_seq.pdbx_db_align_beg_ins_code 
_struct_ref_seq.db_align_end 
_struct_ref_seq.pdbx_db_align_end_ins_code 
_struct_ref_seq.pdbx_auth_seq_align_beg 
_struct_ref_seq.pdbx_auth_seq_align_end 
1 1 7EDW A 1 ? 12 ? 7EDW 1  ? 12 ? 1  12 
2 1 7EDW B 1 ? 12 ? 7EDW 13 ? 24 ? 13 24 
# 
_pdbx_struct_assembly.id                   1 
_pdbx_struct_assembly.details              author_and_software_defined_assembly 
_pdbx_struct_assembly.method_details       PISA 
_pdbx_struct_assembly.oligomeric_details   dimeric 
_pdbx_struct_assembly.oligomeric_count     2 
# 
loop_
_pdbx_struct_assembly_prop.biol_id 
_pdbx_struct_assembly_prop.type 
_pdbx_struct_assembly_prop.value 
_pdbx_struct_assembly_prop.details 
1 'ABSA (A^2)' 1440 ? 
1 MORE         -24  ? 
1 'SSA (A^2)'  4320 ? 
# 
_pdbx_struct_assembly_gen.assembly_id       1 
_pdbx_struct_assembly_gen.oper_expression   1 
_pdbx_struct_assembly_gen.asym_id_list      A,B,C,D,E,F,G 
# 
_pdbx_struct_assembly_auth_evidence.id                     1 
_pdbx_struct_assembly_auth_evidence.assembly_id            1 
_pdbx_struct_assembly_auth_evidence.experimental_support   none 
_pdbx_struct_assembly_auth_evidence.details                ? 
# 
_pdbx_struct_oper_list.id                   1 
_pdbx_struct_oper_list.type                 'identity operation' 
_pdbx_struct_oper_list.name                 1_555 
_pdbx_struct_oper_list.symmetry_operation   x,y,z 
_pdbx_struct_oper_list.matrix[1][1]         1.0000000000 
_pdbx_struct_oper_list.matrix[1][2]         0.0000000000 
_pdbx_struct_oper_list.matrix[1][3]         0.0000000000 
_pdbx_struct_oper_list.vector[1]            0.0000000000 
_pdbx_struct_oper_list.matrix[2][1]         0.0000000000 
_pdbx_struct_oper_list.matrix[2][2]         1.0000000000 
_pdbx_struct_oper_list.matrix[2][3]         0.0000000000 
_pdbx_struct_oper_list.vector[2]            0.0000000000 
_pdbx_struct_oper_list.matrix[3][1]         0.0000000000 
_pdbx_struct_oper_list.matrix[3][2]         0.0000000000 
_pdbx_struct_oper_list.matrix[3][3]         1.0000000000 
_pdbx_struct_oper_list.vector[3]            0.0000000000 
# 
loop_
_struct_conn.id 
_struct_conn.conn_type_id 
_struct_conn.pdbx_leaving_atom_flag 
_struct_conn.pdbx_PDB_id 
_struct_conn.ptnr1_label_asym_id 
_struct_conn.ptnr1_label_comp_id 
_struct_conn.ptnr1_label_seq_id 
_struct_conn.ptnr1_label_atom_id 
_struct_conn.pdbx_ptnr1_label_alt_id 
_struct_conn.pdbx_ptnr1_PDB_ins_code 
_struct_conn.pdbx_ptnr1_standard_comp_id 
_struct_conn.ptnr1_symmetry 
_struct_conn.ptnr2_label_asym_id 
_struct_conn.ptnr2_label_comp_id 
_struct_conn.ptnr2_label_seq_id 
_struct_conn.ptnr2_label_atom_id 
_struct_conn.pdbx_ptnr2_label_alt_id 
_struct_conn.pdbx_ptnr2_PDB_ins_code 
_struct_conn.ptnr1_auth_asym_id 
_struct_conn.ptnr1_auth_comp_id 
_struct_conn.ptnr1_auth_seq_id 
_struct_conn.ptnr2_auth_asym_id 
_struct_conn.ptnr2_auth_comp_id 
_struct_conn.ptnr2_auth_seq_id 
_struct_conn.ptnr2_symmetry 
_struct_conn.pdbx_ptnr3_label_atom_id 
_struct_conn.pdbx_ptnr3_label_seq_id 
_struct_conn.pdbx_ptnr3_label_comp_id 
_struct_conn.pdbx_ptnr3_label_asym_id 
_struct_conn.pdbx_ptnr3_label_alt_id 
_struct_conn.pdbx_ptnr3_PDB_ins_code 
_struct_conn.details 
_struct_conn.pdbx_dist_value 
_struct_conn.pdbx_value_order 
_struct_conn.pdbx_role 
metalc1  metalc ? ? A DT  6  O4 ? ? ? 1_555 C AU  .  AU ? ? A DT  6   A AU  101 1_555 ? ? ? ? ? ? ?            2.674 ? ? 
metalc2  metalc ? ? A DG  9  O6 ? ? ? 1_555 D AU  .  AU ? ? A DG  9   A AU  102 1_555 ? ? ? ? ? ? ?            2.586 ? ? 
metalc3  metalc ? ? C AU  .  AU ? ? ? 1_555 F HOH .  O  ? ? A AU  101 A HOH 219 1_555 ? ? ? ? ? ? ?            2.627 ? ? 
metalc4  metalc ? ? C AU  .  AU ? ? ? 1_555 B DT  6  O4 ? ? A AU  101 B DT  18  1_555 ? ? ? ? ? ? ?            2.644 ? ? 
metalc5  metalc ? ? C AU  .  AU ? ? ? 1_555 G HOH .  O  ? ? A AU  101 B HOH 226 1_555 ? ? ? ? ? ? ?            2.725 ? ? 
metalc6  metalc ? ? D AU  .  AU ? ? ? 1_555 F HOH .  O  ? ? A AU  102 A HOH 208 1_555 ? ? ? ? ? ? ?            2.767 ? ? 
metalc7  metalc ? ? D AU  .  AU ? ? ? 1_555 F HOH .  O  ? ? A AU  102 A HOH 213 1_555 ? ? ? ? ? ? ?            2.308 ? ? 
metalc8  metalc ? ? D AU  .  AU ? ? ? 1_555 F HOH .  O  ? ? A AU  102 A HOH 218 1_555 ? ? ? ? ? ? ?            2.369 ? ? 
metalc9  metalc ? ? D AU  .  AU ? ? ? 1_555 F HOH .  O  ? ? A AU  102 A HOH 225 1_555 ? ? ? ? ? ? ?            2.521 ? ? 
metalc10 metalc ? ? D AU  .  AU ? ? ? 1_555 G HOH .  O  ? ? A AU  102 B HOH 223 1_555 ? ? ? ? ? ? ?            2.741 ? ? 
metalc11 metalc ? ? F HOH .  O  ? ? ? 1_555 E AU  .  AU A ? A HOH 210 B AU  101 1_555 ? ? ? ? ? ? ?            2.538 ? ? 
metalc12 metalc ? ? B DG  9  O6 ? ? ? 1_555 E AU  .  AU B ? B DG  21  B AU  101 1_555 ? ? ? ? ? ? ?            2.531 ? ? 
metalc13 metalc ? ? E AU  .  AU A ? ? 1_555 G HOH .  O  ? ? B AU  101 B HOH 205 1_555 ? ? ? ? ? ? ?            2.672 ? ? 
metalc14 metalc ? ? E AU  .  AU B ? ? 1_555 G HOH .  O  ? ? B AU  101 B HOH 221 1_555 ? ? ? ? ? ? ?            2.620 ? ? 
metalc15 metalc ? ? E AU  .  AU A ? ? 1_555 G HOH .  O  ? ? B AU  101 B HOH 229 1_555 ? ? ? ? ? ? ?            2.747 ? ? 
hydrog1  hydrog ? ? A DG  1  N1 ? ? ? 1_555 B DC  12 N3 ? ? A DG  1   B DC  24  1_555 ? ? ? ? ? ? WATSON-CRICK ?     ? ? 
hydrog2  hydrog ? ? A DG  1  N2 ? ? ? 1_555 B DC  12 O2 ? ? A DG  1   B DC  24  1_555 ? ? ? ? ? ? WATSON-CRICK ?     ? ? 
hydrog3  hydrog ? ? A DG  1  O6 ? ? ? 1_555 B DC  12 N4 ? ? A DG  1   B DC  24  1_555 ? ? ? ? ? ? WATSON-CRICK ?     ? ? 
hydrog4  hydrog ? ? A DG  2  N1 ? ? ? 1_555 B DC  11 N3 ? ? A DG  2   B DC  23  1_555 ? ? ? ? ? ? WATSON-CRICK ?     ? ? 
hydrog5  hydrog ? ? A DG  2  N2 ? ? ? 1_555 B DC  11 O2 ? ? A DG  2   B DC  23  1_555 ? ? ? ? ? ? WATSON-CRICK ?     ? ? 
hydrog6  hydrog ? ? A DG  2  O6 ? ? ? 1_555 B DC  11 N4 ? ? A DG  2   B DC  23  1_555 ? ? ? ? ? ? WATSON-CRICK ?     ? ? 
hydrog7  hydrog ? ? A DA  3  N1 ? ? ? 1_555 B DT  10 N3 ? ? A DA  3   B DT  22  1_555 ? ? ? ? ? ? WATSON-CRICK ?     ? ? 
hydrog8  hydrog ? ? A DA  3  N6 ? ? ? 1_555 B DT  10 O4 ? ? A DA  3   B DT  22  1_555 ? ? ? ? ? ? WATSON-CRICK ?     ? ? 
hydrog9  hydrog ? ? A DC  4  N3 ? ? ? 1_555 B DG  9  N1 ? ? A DC  4   B DG  21  1_555 ? ? ? ? ? ? WATSON-CRICK ?     ? ? 
hydrog10 hydrog ? ? A DC  4  N4 ? ? ? 1_555 B DG  9  O6 ? ? A DC  4   B DG  21  1_555 ? ? ? ? ? ? WATSON-CRICK ?     ? ? 
hydrog11 hydrog ? ? A DC  4  O2 ? ? ? 1_555 B DG  9  N2 ? ? A DC  4   B DG  21  1_555 ? ? ? ? ? ? WATSON-CRICK ?     ? ? 
hydrog12 hydrog ? ? A DC  5  N3 ? ? ? 1_555 B DG  8  N1 ? ? A DC  5   B DG  20  1_555 ? ? ? ? ? ? WATSON-CRICK ?     ? ? 
hydrog13 hydrog ? ? A DC  5  N4 ? ? ? 1_555 B DG  8  O6 ? ? A DC  5   B DG  20  1_555 ? ? ? ? ? ? WATSON-CRICK ?     ? ? 
hydrog14 hydrog ? ? A DC  5  O2 ? ? ? 1_555 B DG  8  N2 ? ? A DC  5   B DG  20  1_555 ? ? ? ? ? ? WATSON-CRICK ?     ? ? 
hydrog15 hydrog ? ? A DT  6  N3 ? ? ? 1_555 B DT  7  O4 ? ? A DT  6   B DT  19  1_555 ? ? ? ? ? ? TYPE_16_PAIR ?     ? ? 
hydrog16 hydrog ? ? A DT  6  O2 ? ? ? 1_555 B DT  7  N3 ? ? A DT  6   B DT  19  1_555 ? ? ? ? ? ? TYPE_16_PAIR ?     ? ? 
hydrog17 hydrog ? ? A DT  7  N3 ? ? ? 1_555 B DT  6  O2 ? ? A DT  7   B DT  18  1_555 ? ? ? ? ? ? TYPE_16_PAIR ?     ? ? 
hydrog18 hydrog ? ? A DT  7  O4 ? ? ? 1_555 B DT  6  N3 ? ? A DT  7   B DT  18  1_555 ? ? ? ? ? ? TYPE_16_PAIR ?     ? ? 
hydrog19 hydrog ? ? A DG  8  N1 ? ? ? 1_555 B DC  5  N3 ? ? A DG  8   B DC  17  1_555 ? ? ? ? ? ? WATSON-CRICK ?     ? ? 
hydrog20 hydrog ? ? A DG  8  N2 ? ? ? 1_555 B DC  5  O2 ? ? A DG  8   B DC  17  1_555 ? ? ? ? ? ? WATSON-CRICK ?     ? ? 
hydrog21 hydrog ? ? A DG  8  O6 ? ? ? 1_555 B DC  5  N4 ? ? A DG  8   B DC  17  1_555 ? ? ? ? ? ? WATSON-CRICK ?     ? ? 
hydrog22 hydrog ? ? A DG  9  N1 ? ? ? 1_555 B DC  4  N3 ? ? A DG  9   B DC  16  1_555 ? ? ? ? ? ? WATSON-CRICK ?     ? ? 
hydrog23 hydrog ? ? A DG  9  N2 ? ? ? 1_555 B DC  4  O2 ? ? A DG  9   B DC  16  1_555 ? ? ? ? ? ? WATSON-CRICK ?     ? ? 
hydrog24 hydrog ? ? A DG  9  O6 ? ? ? 1_555 B DC  4  N4 ? ? A DG  9   B DC  16  1_555 ? ? ? ? ? ? WATSON-CRICK ?     ? ? 
hydrog25 hydrog ? ? A DT  10 N3 ? ? ? 1_555 B DA  3  N1 ? ? A DT  10  B DA  15  1_555 ? ? ? ? ? ? WATSON-CRICK ?     ? ? 
hydrog26 hydrog ? ? A DT  10 O4 ? ? ? 1_555 B DA  3  N6 ? ? A DT  10  B DA  15  1_555 ? ? ? ? ? ? WATSON-CRICK ?     ? ? 
hydrog27 hydrog ? ? A DC  11 N3 ? ? ? 1_555 B DG  2  N1 ? ? A DC  11  B DG  14  1_555 ? ? ? ? ? ? WATSON-CRICK ?     ? ? 
hydrog28 hydrog ? ? A DC  11 N4 ? ? ? 1_555 B DG  2  O6 ? ? A DC  11  B DG  14  1_555 ? ? ? ? ? ? WATSON-CRICK ?     ? ? 
hydrog29 hydrog ? ? A DC  11 O2 ? ? ? 1_555 B DG  2  N2 ? ? A DC  11  B DG  14  1_555 ? ? ? ? ? ? WATSON-CRICK ?     ? ? 
hydrog30 hydrog ? ? A DC  12 N3 ? ? ? 1_555 B DG  1  N1 ? ? A DC  12  B DG  13  1_555 ? ? ? ? ? ? WATSON-CRICK ?     ? ? 
hydrog31 hydrog ? ? A DC  12 N4 ? ? ? 1_555 B DG  1  O6 ? ? A DC  12  B DG  13  1_555 ? ? ? ? ? ? WATSON-CRICK ?     ? ? 
hydrog32 hydrog ? ? A DC  12 O2 ? ? ? 1_555 B DG  1  N2 ? ? A DC  12  B DG  13  1_555 ? ? ? ? ? ? WATSON-CRICK ?     ? ? 
# 
loop_
_struct_conn_type.id 
_struct_conn_type.criteria 
_struct_conn_type.reference 
metalc ? ? 
hydrog ? ? 
# 
loop_
_pdbx_struct_conn_angle.id 
_pdbx_struct_conn_angle.ptnr1_label_atom_id 
_pdbx_struct_conn_angle.ptnr1_label_alt_id 
_pdbx_struct_conn_angle.ptnr1_label_asym_id 
_pdbx_struct_conn_angle.ptnr1_label_comp_id 
_pdbx_struct_conn_angle.ptnr1_label_seq_id 
_pdbx_struct_conn_angle.ptnr1_auth_atom_id 
_pdbx_struct_conn_angle.ptnr1_auth_asym_id 
_pdbx_struct_conn_angle.ptnr1_auth_comp_id 
_pdbx_struct_conn_angle.ptnr1_auth_seq_id 
_pdbx_struct_conn_angle.ptnr1_PDB_ins_code 
_pdbx_struct_conn_angle.ptnr1_symmetry 
_pdbx_struct_conn_angle.ptnr2_label_atom_id 
_pdbx_struct_conn_angle.ptnr2_label_alt_id 
_pdbx_struct_conn_angle.ptnr2_label_asym_id 
_pdbx_struct_conn_angle.ptnr2_label_comp_id 
_pdbx_struct_conn_angle.ptnr2_label_seq_id 
_pdbx_struct_conn_angle.ptnr2_auth_atom_id 
_pdbx_struct_conn_angle.ptnr2_auth_asym_id 
_pdbx_struct_conn_angle.ptnr2_auth_comp_id 
_pdbx_struct_conn_angle.ptnr2_auth_seq_id 
_pdbx_struct_conn_angle.ptnr2_PDB_ins_code 
_pdbx_struct_conn_angle.ptnr2_symmetry 
_pdbx_struct_conn_angle.ptnr3_label_atom_id 
_pdbx_struct_conn_angle.ptnr3_label_alt_id 
_pdbx_struct_conn_angle.ptnr3_label_asym_id 
_pdbx_struct_conn_angle.ptnr3_label_comp_id 
_pdbx_struct_conn_angle.ptnr3_label_seq_id 
_pdbx_struct_conn_angle.ptnr3_auth_atom_id 
_pdbx_struct_conn_angle.ptnr3_auth_asym_id 
_pdbx_struct_conn_angle.ptnr3_auth_comp_id 
_pdbx_struct_conn_angle.ptnr3_auth_seq_id 
_pdbx_struct_conn_angle.ptnr3_PDB_ins_code 
_pdbx_struct_conn_angle.ptnr3_symmetry 
_pdbx_struct_conn_angle.value 
_pdbx_struct_conn_angle.value_esd 
1  O4 ? A DT  6 ? A DT  6   ? 1_555 AU ? C AU . ? A AU 101 ? 1_555 O  ? F HOH . ? A HOH 219 ? 1_555 83.2  ? 
2  O4 ? A DT  6 ? A DT  6   ? 1_555 AU ? C AU . ? A AU 101 ? 1_555 O4 ? B DT  6 ? B DT  18  ? 1_555 108.3 ? 
3  O  ? F HOH . ? A HOH 219 ? 1_555 AU ? C AU . ? A AU 101 ? 1_555 O4 ? B DT  6 ? B DT  18  ? 1_555 142.0 ? 
4  O4 ? A DT  6 ? A DT  6   ? 1_555 AU ? C AU . ? A AU 101 ? 1_555 O  ? G HOH . ? B HOH 226 ? 1_555 143.5 ? 
5  O  ? F HOH . ? A HOH 219 ? 1_555 AU ? C AU . ? A AU 101 ? 1_555 O  ? G HOH . ? B HOH 226 ? 1_555 108.1 ? 
6  O4 ? B DT  6 ? B DT  18  ? 1_555 AU ? C AU . ? A AU 101 ? 1_555 O  ? G HOH . ? B HOH 226 ? 1_555 84.3  ? 
7  O6 ? A DG  9 ? A DG  9   ? 1_555 AU ? D AU . ? A AU 102 ? 1_555 O  ? F HOH . ? A HOH 208 ? 1_555 147.4 ? 
8  O6 ? A DG  9 ? A DG  9   ? 1_555 AU ? D AU . ? A AU 102 ? 1_555 O  ? F HOH . ? A HOH 213 ? 1_555 126.1 ? 
9  O  ? F HOH . ? A HOH 208 ? 1_555 AU ? D AU . ? A AU 102 ? 1_555 O  ? F HOH . ? A HOH 213 ? 1_555 57.5  ? 
10 O6 ? A DG  9 ? A DG  9   ? 1_555 AU ? D AU . ? A AU 102 ? 1_555 O  ? F HOH . ? A HOH 218 ? 1_555 80.2  ? 
11 O  ? F HOH . ? A HOH 208 ? 1_555 AU ? D AU . ? A AU 102 ? 1_555 O  ? F HOH . ? A HOH 218 ? 1_555 127.8 ? 
12 O  ? F HOH . ? A HOH 213 ? 1_555 AU ? D AU . ? A AU 102 ? 1_555 O  ? F HOH . ? A HOH 218 ? 1_555 122.4 ? 
13 O6 ? A DG  9 ? A DG  9   ? 1_555 AU ? D AU . ? A AU 102 ? 1_555 O  ? F HOH . ? A HOH 225 ? 1_555 130.1 ? 
14 O  ? F HOH . ? A HOH 208 ? 1_555 AU ? D AU . ? A AU 102 ? 1_555 O  ? F HOH . ? A HOH 225 ? 1_555 82.2  ? 
15 O  ? F HOH . ? A HOH 213 ? 1_555 AU ? D AU . ? A AU 102 ? 1_555 O  ? F HOH . ? A HOH 225 ? 1_555 65.0  ? 
16 O  ? F HOH . ? A HOH 218 ? 1_555 AU ? D AU . ? A AU 102 ? 1_555 O  ? F HOH . ? A HOH 225 ? 1_555 60.6  ? 
17 O6 ? A DG  9 ? A DG  9   ? 1_555 AU ? D AU . ? A AU 102 ? 1_555 O  ? G HOH . ? B HOH 223 ? 1_555 75.3  ? 
18 O  ? F HOH . ? A HOH 208 ? 1_555 AU ? D AU . ? A AU 102 ? 1_555 O  ? G HOH . ? B HOH 223 ? 1_555 97.4  ? 
19 O  ? F HOH . ? A HOH 213 ? 1_555 AU ? D AU . ? A AU 102 ? 1_555 O  ? G HOH . ? B HOH 223 ? 1_555 154.8 ? 
20 O  ? F HOH . ? A HOH 218 ? 1_555 AU ? D AU . ? A AU 102 ? 1_555 O  ? G HOH . ? B HOH 223 ? 1_555 69.8  ? 
21 O  ? F HOH . ? A HOH 225 ? 1_555 AU ? D AU . ? A AU 102 ? 1_555 O  ? G HOH . ? B HOH 223 ? 1_555 113.6 ? 
22 O  ? F HOH . ? A HOH 210 ? 1_555 AU A E AU . ? B AU 101 ? 1_555 O  ? G HOH . ? B HOH 205 ? 1_555 74.7  ? 
23 O  ? F HOH . ? A HOH 210 ? 1_555 AU A E AU . ? B AU 101 ? 1_555 O  ? G HOH . ? B HOH 229 ? 1_555 138.0 ? 
24 O  ? G HOH . ? B HOH 205 ? 1_555 AU A E AU . ? B AU 101 ? 1_555 O  ? G HOH . ? B HOH 229 ? 1_555 131.1 ? 
25 O6 ? B DG  9 ? B DG  21  ? 1_555 AU B E AU . ? B AU 101 ? 1_555 O  ? G HOH . ? B HOH 221 ? 1_555 125.8 ? 
# 
_pdbx_entry_details.entry_id                 7EDW 
_pdbx_entry_details.has_ligand_of_interest   Y 
_pdbx_entry_details.compound_details         ? 
_pdbx_entry_details.source_details           ? 
_pdbx_entry_details.nonpolymer_details       ? 
_pdbx_entry_details.sequence_details         ? 
# 
loop_
_chem_comp_atom.comp_id 
_chem_comp_atom.atom_id 
_chem_comp_atom.type_symbol 
_chem_comp_atom.pdbx_aromatic_flag 
_chem_comp_atom.pdbx_stereo_config 
_chem_comp_atom.pdbx_ordinal 
AU  AU     AU N N 1   
DA  OP3    O  N N 2   
DA  P      P  N N 3   
DA  OP1    O  N N 4   
DA  OP2    O  N N 5   
DA  "O5'"  O  N N 6   
DA  "C5'"  C  N N 7   
DA  "C4'"  C  N R 8   
DA  "O4'"  O  N N 9   
DA  "C3'"  C  N S 10  
DA  "O3'"  O  N N 11  
DA  "C2'"  C  N N 12  
DA  "C1'"  C  N R 13  
DA  N9     N  Y N 14  
DA  C8     C  Y N 15  
DA  N7     N  Y N 16  
DA  C5     C  Y N 17  
DA  C6     C  Y N 18  
DA  N6     N  N N 19  
DA  N1     N  Y N 20  
DA  C2     C  Y N 21  
DA  N3     N  Y N 22  
DA  C4     C  Y N 23  
DA  HOP3   H  N N 24  
DA  HOP2   H  N N 25  
DA  "H5'"  H  N N 26  
DA  "H5''" H  N N 27  
DA  "H4'"  H  N N 28  
DA  "H3'"  H  N N 29  
DA  "HO3'" H  N N 30  
DA  "H2'"  H  N N 31  
DA  "H2''" H  N N 32  
DA  "H1'"  H  N N 33  
DA  H8     H  N N 34  
DA  H61    H  N N 35  
DA  H62    H  N N 36  
DA  H2     H  N N 37  
DC  OP3    O  N N 38  
DC  P      P  N N 39  
DC  OP1    O  N N 40  
DC  OP2    O  N N 41  
DC  "O5'"  O  N N 42  
DC  "C5'"  C  N N 43  
DC  "C4'"  C  N R 44  
DC  "O4'"  O  N N 45  
DC  "C3'"  C  N S 46  
DC  "O3'"  O  N N 47  
DC  "C2'"  C  N N 48  
DC  "C1'"  C  N R 49  
DC  N1     N  N N 50  
DC  C2     C  N N 51  
DC  O2     O  N N 52  
DC  N3     N  N N 53  
DC  C4     C  N N 54  
DC  N4     N  N N 55  
DC  C5     C  N N 56  
DC  C6     C  N N 57  
DC  HOP3   H  N N 58  
DC  HOP2   H  N N 59  
DC  "H5'"  H  N N 60  
DC  "H5''" H  N N 61  
DC  "H4'"  H  N N 62  
DC  "H3'"  H  N N 63  
DC  "HO3'" H  N N 64  
DC  "H2'"  H  N N 65  
DC  "H2''" H  N N 66  
DC  "H1'"  H  N N 67  
DC  H41    H  N N 68  
DC  H42    H  N N 69  
DC  H5     H  N N 70  
DC  H6     H  N N 71  
DG  OP3    O  N N 72  
DG  P      P  N N 73  
DG  OP1    O  N N 74  
DG  OP2    O  N N 75  
DG  "O5'"  O  N N 76  
DG  "C5'"  C  N N 77  
DG  "C4'"  C  N R 78  
DG  "O4'"  O  N N 79  
DG  "C3'"  C  N S 80  
DG  "O3'"  O  N N 81  
DG  "C2'"  C  N N 82  
DG  "C1'"  C  N R 83  
DG  N9     N  Y N 84  
DG  C8     C  Y N 85  
DG  N7     N  Y N 86  
DG  C5     C  Y N 87  
DG  C6     C  N N 88  
DG  O6     O  N N 89  
DG  N1     N  N N 90  
DG  C2     C  N N 91  
DG  N2     N  N N 92  
DG  N3     N  N N 93  
DG  C4     C  Y N 94  
DG  HOP3   H  N N 95  
DG  HOP2   H  N N 96  
DG  "H5'"  H  N N 97  
DG  "H5''" H  N N 98  
DG  "H4'"  H  N N 99  
DG  "H3'"  H  N N 100 
DG  "HO3'" H  N N 101 
DG  "H2'"  H  N N 102 
DG  "H2''" H  N N 103 
DG  "H1'"  H  N N 104 
DG  H8     H  N N 105 
DG  H1     H  N N 106 
DG  H21    H  N N 107 
DG  H22    H  N N 108 
DT  OP3    O  N N 109 
DT  P      P  N N 110 
DT  OP1    O  N N 111 
DT  OP2    O  N N 112 
DT  "O5'"  O  N N 113 
DT  "C5'"  C  N N 114 
DT  "C4'"  C  N R 115 
DT  "O4'"  O  N N 116 
DT  "C3'"  C  N S 117 
DT  "O3'"  O  N N 118 
DT  "C2'"  C  N N 119 
DT  "C1'"  C  N R 120 
DT  N1     N  N N 121 
DT  C2     C  N N 122 
DT  O2     O  N N 123 
DT  N3     N  N N 124 
DT  C4     C  N N 125 
DT  O4     O  N N 126 
DT  C5     C  N N 127 
DT  C7     C  N N 128 
DT  C6     C  N N 129 
DT  HOP3   H  N N 130 
DT  HOP2   H  N N 131 
DT  "H5'"  H  N N 132 
DT  "H5''" H  N N 133 
DT  "H4'"  H  N N 134 
DT  "H3'"  H  N N 135 
DT  "HO3'" H  N N 136 
DT  "H2'"  H  N N 137 
DT  "H2''" H  N N 138 
DT  "H1'"  H  N N 139 
DT  H3     H  N N 140 
DT  H71    H  N N 141 
DT  H72    H  N N 142 
DT  H73    H  N N 143 
DT  H6     H  N N 144 
HOH O      O  N N 145 
HOH H1     H  N N 146 
HOH H2     H  N N 147 
# 
loop_
_chem_comp_bond.comp_id 
_chem_comp_bond.atom_id_1 
_chem_comp_bond.atom_id_2 
_chem_comp_bond.value_order 
_chem_comp_bond.pdbx_aromatic_flag 
_chem_comp_bond.pdbx_stereo_config 
_chem_comp_bond.pdbx_ordinal 
DA  OP3   P      sing N N 1   
DA  OP3   HOP3   sing N N 2   
DA  P     OP1    doub N N 3   
DA  P     OP2    sing N N 4   
DA  P     "O5'"  sing N N 5   
DA  OP2   HOP2   sing N N 6   
DA  "O5'" "C5'"  sing N N 7   
DA  "C5'" "C4'"  sing N N 8   
DA  "C5'" "H5'"  sing N N 9   
DA  "C5'" "H5''" sing N N 10  
DA  "C4'" "O4'"  sing N N 11  
DA  "C4'" "C3'"  sing N N 12  
DA  "C4'" "H4'"  sing N N 13  
DA  "O4'" "C1'"  sing N N 14  
DA  "C3'" "O3'"  sing N N 15  
DA  "C3'" "C2'"  sing N N 16  
DA  "C3'" "H3'"  sing N N 17  
DA  "O3'" "HO3'" sing N N 18  
DA  "C2'" "C1'"  sing N N 19  
DA  "C2'" "H2'"  sing N N 20  
DA  "C2'" "H2''" sing N N 21  
DA  "C1'" N9     sing N N 22  
DA  "C1'" "H1'"  sing N N 23  
DA  N9    C8     sing Y N 24  
DA  N9    C4     sing Y N 25  
DA  C8    N7     doub Y N 26  
DA  C8    H8     sing N N 27  
DA  N7    C5     sing Y N 28  
DA  C5    C6     sing Y N 29  
DA  C5    C4     doub Y N 30  
DA  C6    N6     sing N N 31  
DA  C6    N1     doub Y N 32  
DA  N6    H61    sing N N 33  
DA  N6    H62    sing N N 34  
DA  N1    C2     sing Y N 35  
DA  C2    N3     doub Y N 36  
DA  C2    H2     sing N N 37  
DA  N3    C4     sing Y N 38  
DC  OP3   P      sing N N 39  
DC  OP3   HOP3   sing N N 40  
DC  P     OP1    doub N N 41  
DC  P     OP2    sing N N 42  
DC  P     "O5'"  sing N N 43  
DC  OP2   HOP2   sing N N 44  
DC  "O5'" "C5'"  sing N N 45  
DC  "C5'" "C4'"  sing N N 46  
DC  "C5'" "H5'"  sing N N 47  
DC  "C5'" "H5''" sing N N 48  
DC  "C4'" "O4'"  sing N N 49  
DC  "C4'" "C3'"  sing N N 50  
DC  "C4'" "H4'"  sing N N 51  
DC  "O4'" "C1'"  sing N N 52  
DC  "C3'" "O3'"  sing N N 53  
DC  "C3'" "C2'"  sing N N 54  
DC  "C3'" "H3'"  sing N N 55  
DC  "O3'" "HO3'" sing N N 56  
DC  "C2'" "C1'"  sing N N 57  
DC  "C2'" "H2'"  sing N N 58  
DC  "C2'" "H2''" sing N N 59  
DC  "C1'" N1     sing N N 60  
DC  "C1'" "H1'"  sing N N 61  
DC  N1    C2     sing N N 62  
DC  N1    C6     sing N N 63  
DC  C2    O2     doub N N 64  
DC  C2    N3     sing N N 65  
DC  N3    C4     doub N N 66  
DC  C4    N4     sing N N 67  
DC  C4    C5     sing N N 68  
DC  N4    H41    sing N N 69  
DC  N4    H42    sing N N 70  
DC  C5    C6     doub N N 71  
DC  C5    H5     sing N N 72  
DC  C6    H6     sing N N 73  
DG  OP3   P      sing N N 74  
DG  OP3   HOP3   sing N N 75  
DG  P     OP1    doub N N 76  
DG  P     OP2    sing N N 77  
DG  P     "O5'"  sing N N 78  
DG  OP2   HOP2   sing N N 79  
DG  "O5'" "C5'"  sing N N 80  
DG  "C5'" "C4'"  sing N N 81  
DG  "C5'" "H5'"  sing N N 82  
DG  "C5'" "H5''" sing N N 83  
DG  "C4'" "O4'"  sing N N 84  
DG  "C4'" "C3'"  sing N N 85  
DG  "C4'" "H4'"  sing N N 86  
DG  "O4'" "C1'"  sing N N 87  
DG  "C3'" "O3'"  sing N N 88  
DG  "C3'" "C2'"  sing N N 89  
DG  "C3'" "H3'"  sing N N 90  
DG  "O3'" "HO3'" sing N N 91  
DG  "C2'" "C1'"  sing N N 92  
DG  "C2'" "H2'"  sing N N 93  
DG  "C2'" "H2''" sing N N 94  
DG  "C1'" N9     sing N N 95  
DG  "C1'" "H1'"  sing N N 96  
DG  N9    C8     sing Y N 97  
DG  N9    C4     sing Y N 98  
DG  C8    N7     doub Y N 99  
DG  C8    H8     sing N N 100 
DG  N7    C5     sing Y N 101 
DG  C5    C6     sing N N 102 
DG  C5    C4     doub Y N 103 
DG  C6    O6     doub N N 104 
DG  C6    N1     sing N N 105 
DG  N1    C2     sing N N 106 
DG  N1    H1     sing N N 107 
DG  C2    N2     sing N N 108 
DG  C2    N3     doub N N 109 
DG  N2    H21    sing N N 110 
DG  N2    H22    sing N N 111 
DG  N3    C4     sing N N 112 
DT  OP3   P      sing N N 113 
DT  OP3   HOP3   sing N N 114 
DT  P     OP1    doub N N 115 
DT  P     OP2    sing N N 116 
DT  P     "O5'"  sing N N 117 
DT  OP2   HOP2   sing N N 118 
DT  "O5'" "C5'"  sing N N 119 
DT  "C5'" "C4'"  sing N N 120 
DT  "C5'" "H5'"  sing N N 121 
DT  "C5'" "H5''" sing N N 122 
DT  "C4'" "O4'"  sing N N 123 
DT  "C4'" "C3'"  sing N N 124 
DT  "C4'" "H4'"  sing N N 125 
DT  "O4'" "C1'"  sing N N 126 
DT  "C3'" "O3'"  sing N N 127 
DT  "C3'" "C2'"  sing N N 128 
DT  "C3'" "H3'"  sing N N 129 
DT  "O3'" "HO3'" sing N N 130 
DT  "C2'" "C1'"  sing N N 131 
DT  "C2'" "H2'"  sing N N 132 
DT  "C2'" "H2''" sing N N 133 
DT  "C1'" N1     sing N N 134 
DT  "C1'" "H1'"  sing N N 135 
DT  N1    C2     sing N N 136 
DT  N1    C6     sing N N 137 
DT  C2    O2     doub N N 138 
DT  C2    N3     sing N N 139 
DT  N3    C4     sing N N 140 
DT  N3    H3     sing N N 141 
DT  C4    O4     doub N N 142 
DT  C4    C5     sing N N 143 
DT  C5    C7     sing N N 144 
DT  C5    C6     doub N N 145 
DT  C7    H71    sing N N 146 
DT  C7    H72    sing N N 147 
DT  C7    H73    sing N N 148 
DT  C6    H6     sing N N 149 
HOH O     H1     sing N N 150 
HOH O     H2     sing N N 151 
# 
loop_
_ndb_struct_conf_na.entry_id 
_ndb_struct_conf_na.feature 
7EDW 'double helix'        
7EDW 'a-form double helix' 
# 
loop_
_ndb_struct_na_base_pair.model_number 
_ndb_struct_na_base_pair.i_label_asym_id 
_ndb_struct_na_base_pair.i_label_comp_id 
_ndb_struct_na_base_pair.i_label_seq_id 
_ndb_struct_na_base_pair.i_symmetry 
_ndb_struct_na_base_pair.j_label_asym_id 
_ndb_struct_na_base_pair.j_label_comp_id 
_ndb_struct_na_base_pair.j_label_seq_id 
_ndb_struct_na_base_pair.j_symmetry 
_ndb_struct_na_base_pair.shear 
_ndb_struct_na_base_pair.stretch 
_ndb_struct_na_base_pair.stagger 
_ndb_struct_na_base_pair.buckle 
_ndb_struct_na_base_pair.propeller 
_ndb_struct_na_base_pair.opening 
_ndb_struct_na_base_pair.pair_number 
_ndb_struct_na_base_pair.pair_name 
_ndb_struct_na_base_pair.i_auth_asym_id 
_ndb_struct_na_base_pair.i_auth_seq_id 
_ndb_struct_na_base_pair.i_PDB_ins_code 
_ndb_struct_na_base_pair.j_auth_asym_id 
_ndb_struct_na_base_pair.j_auth_seq_id 
_ndb_struct_na_base_pair.j_PDB_ins_code 
_ndb_struct_na_base_pair.hbond_type_28 
_ndb_struct_na_base_pair.hbond_type_12 
1 A DG 1  1_555 B DC 12 1_555 -0.284 -0.232 0.255  -0.608  -11.026 -2.028 1  A_DG1:DC24_B  A 1  ? B 24 ? 19 1 
1 A DG 2  1_555 B DC 11 1_555 -0.364 -0.175 -0.393 -14.115 -15.545 1.228  2  A_DG2:DC23_B  A 2  ? B 23 ? 19 1 
1 A DA 3  1_555 B DT 10 1_555 0.260  -0.185 -0.135 -9.716  -4.011  -4.722 3  A_DA3:DT22_B  A 3  ? B 22 ? 20 1 
1 A DC 4  1_555 B DG 9  1_555 0.356  -0.142 0.093  9.628   -8.493  1.604  4  A_DC4:DG21_B  A 4  ? B 21 ? 19 1 
1 A DC 5  1_555 B DG 8  1_555 0.316  -0.133 -0.131 20.265  -10.132 1.681  5  A_DC5:DG20_B  A 5  ? B 20 ? 19 1 
1 A DT 6  1_555 B DT 7  1_555 2.256  -1.896 0.026  12.993  -24.835 12.286 6  A_DT6:DT19_B  A 6  ? B 19 ? 16 1 
1 A DT 7  1_555 B DT 6  1_555 -2.364 -2.058 -0.015 -14.995 -24.489 11.215 7  A_DT7:DT18_B  A 7  ? B 18 ? 16 1 
1 A DG 8  1_555 B DC 5  1_555 -0.269 -0.123 -0.125 -18.583 -11.412 4.001  8  A_DG8:DC17_B  A 8  ? B 17 ? 19 1 
1 A DG 9  1_555 B DC 4  1_555 -0.292 -0.065 -0.037 -13.770 -7.482  -0.211 9  A_DG9:DC16_B  A 9  ? B 16 ? 19 1 
1 A DT 10 1_555 B DA 3  1_555 0.034  -0.163 0.126  -4.505  -7.723  -1.600 10 A_DT10:DA15_B A 10 ? B 15 ? 20 1 
1 A DC 11 1_555 B DG 2  1_555 0.351  -0.142 -0.233 9.274   -6.215  3.181  11 A_DC11:DG14_B A 11 ? B 14 ? 19 1 
1 A DC 12 1_555 B DG 1  1_555 0.104  -0.123 -0.345 21.484  4.355   -0.845 12 A_DC12:DG13_B A 12 ? B 13 ? 19 1 
# 
loop_
_ndb_struct_na_base_pair_step.model_number 
_ndb_struct_na_base_pair_step.i_label_asym_id_1 
_ndb_struct_na_base_pair_step.i_label_comp_id_1 
_ndb_struct_na_base_pair_step.i_label_seq_id_1 
_ndb_struct_na_base_pair_step.i_symmetry_1 
_ndb_struct_na_base_pair_step.j_label_asym_id_1 
_ndb_struct_na_base_pair_step.j_label_comp_id_1 
_ndb_struct_na_base_pair_step.j_label_seq_id_1 
_ndb_struct_na_base_pair_step.j_symmetry_1 
_ndb_struct_na_base_pair_step.i_label_asym_id_2 
_ndb_struct_na_base_pair_step.i_label_comp_id_2 
_ndb_struct_na_base_pair_step.i_label_seq_id_2 
_ndb_struct_na_base_pair_step.i_symmetry_2 
_ndb_struct_na_base_pair_step.j_label_asym_id_2 
_ndb_struct_na_base_pair_step.j_label_comp_id_2 
_ndb_struct_na_base_pair_step.j_label_seq_id_2 
_ndb_struct_na_base_pair_step.j_symmetry_2 
_ndb_struct_na_base_pair_step.shift 
_ndb_struct_na_base_pair_step.slide 
_ndb_struct_na_base_pair_step.rise 
_ndb_struct_na_base_pair_step.tilt 
_ndb_struct_na_base_pair_step.roll 
_ndb_struct_na_base_pair_step.twist 
_ndb_struct_na_base_pair_step.x_displacement 
_ndb_struct_na_base_pair_step.y_displacement 
_ndb_struct_na_base_pair_step.helical_rise 
_ndb_struct_na_base_pair_step.inclination 
_ndb_struct_na_base_pair_step.tip 
_ndb_struct_na_base_pair_step.helical_twist 
_ndb_struct_na_base_pair_step.step_number 
_ndb_struct_na_base_pair_step.step_name 
_ndb_struct_na_base_pair_step.i_auth_asym_id_1 
_ndb_struct_na_base_pair_step.i_auth_seq_id_1 
_ndb_struct_na_base_pair_step.i_PDB_ins_code_1 
_ndb_struct_na_base_pair_step.j_auth_asym_id_1 
_ndb_struct_na_base_pair_step.j_auth_seq_id_1 
_ndb_struct_na_base_pair_step.j_PDB_ins_code_1 
_ndb_struct_na_base_pair_step.i_auth_asym_id_2 
_ndb_struct_na_base_pair_step.i_auth_seq_id_2 
_ndb_struct_na_base_pair_step.i_PDB_ins_code_2 
_ndb_struct_na_base_pair_step.j_auth_asym_id_2 
_ndb_struct_na_base_pair_step.j_auth_seq_id_2 
_ndb_struct_na_base_pair_step.j_PDB_ins_code_2 
1 A DG 1  1_555 B DC 12 1_555 A DG 2  1_555 B DC 11 1_555 0.251  -1.357 3.599 5.672  7.540  35.225 -3.287 0.437  3.250 12.191 
-9.171 36.428 1  AA_DG1DG2:DC23DC24_BB   A 1  ? B 24 ? A 2  ? B 23 ? 
1 A DG 2  1_555 B DC 11 1_555 A DA 3  1_555 B DT 10 1_555 -0.640 -0.793 3.161 -0.808 4.644  37.077 -1.822 0.898  3.056 7.267  
1.264  37.365 2  AA_DG2DA3:DT22DC23_BB   A 2  ? B 23 ? A 3  ? B 22 ? 
1 A DA 3  1_555 B DT 10 1_555 A DC 4  1_555 B DG 9  1_555 0.961  -0.978 2.876 -2.647 9.895  30.491 -3.226 -2.126 2.362 18.181 
4.864  32.127 3  AA_DA3DC4:DG21DT22_BB   A 3  ? B 22 ? A 4  ? B 21 ? 
1 A DC 4  1_555 B DG 9  1_555 A DC 5  1_555 B DG 8  1_555 -0.838 -1.958 2.953 -2.132 7.867  23.891 -6.371 1.409  2.267 18.335 
4.968  25.224 4  AA_DC4DC5:DG20DG21_BB   A 4  ? B 21 ? A 5  ? B 20 ? 
1 A DC 5  1_555 B DG 8  1_555 A DT 6  1_555 B DT 7  1_555 0.565  -1.052 3.458 0.795  9.779  40.529 -2.537 -0.708 3.142 13.872 
-1.128 41.651 5  AA_DC5DT6:DT19DG20_BB   A 5  ? B 20 ? A 6  ? B 19 ? 
1 A DT 6  1_555 B DT 7  1_555 A DT 7  1_555 B DT 6  1_555 -0.008 -2.410 3.809 0.858  16.332 21.344 -9.086 0.221  1.590 37.758 
-1.983 26.832 6  AA_DT6DT7:DT18DT19_BB   A 6  ? B 19 ? A 7  ? B 18 ? 
1 A DT 7  1_555 B DT 6  1_555 A DG 8  1_555 B DC 5  1_555 -0.122 -1.153 3.329 -0.068 8.530  40.239 -2.553 0.166  3.033 12.233 
0.097  41.097 7  AA_DT7DG8:DC17DT18_BB   A 7  ? B 18 ? A 8  ? B 17 ? 
1 A DG 8  1_555 B DC 5  1_555 A DG 9  1_555 B DC 4  1_555 0.191  -2.019 3.088 2.442  7.240  26.555 -5.757 0.115  2.469 15.361 
-5.182 27.613 8  AA_DG8DG9:DC16DC17_BB   A 8  ? B 17 ? A 9  ? B 16 ? 
1 A DG 9  1_555 B DC 4  1_555 A DT 10 1_555 B DA 3  1_555 -0.662 -1.225 3.046 -1.387 6.449  33.345 -3.026 0.933  2.792 11.103 
2.388  33.973 9  AA_DG9DT10:DA15DC16_BB  A 9  ? B 16 ? A 10 ? B 15 ? 
1 A DT 10 1_555 B DA 3  1_555 A DC 11 1_555 B DG 2  1_555 0.987  -1.227 2.863 4.066  5.689  30.758 -3.171 -1.165 2.703 10.555 
-7.544 31.524 10 AA_DT10DC11:DG14DA15_BB A 10 ? B 15 ? A 11 ? B 14 ? 
1 A DC 11 1_555 B DG 2  1_555 A DC 12 1_555 B DG 1  1_555 -0.414 -1.627 3.195 -1.990 6.916  25.843 -5.149 0.421  2.699 15.095 
4.344  26.810 11 AA_DC11DC12:DG13DG14_BB A 11 ? B 14 ? A 12 ? B 13 ? 
# 
_pdbx_audit_support.funding_organization   'Ministry of Education, Culture, Sports, Science and Technology (Japan)' 
_pdbx_audit_support.country                Japan 
_pdbx_audit_support.grant_number           24245037 
_pdbx_audit_support.ordinal                1 
# 
_pdbx_entity_instance_feature.ordinal        1 
_pdbx_entity_instance_feature.comp_id        AU 
_pdbx_entity_instance_feature.asym_id        ? 
_pdbx_entity_instance_feature.seq_num        ? 
_pdbx_entity_instance_feature.auth_comp_id   AU 
_pdbx_entity_instance_feature.auth_asym_id   ? 
_pdbx_entity_instance_feature.auth_seq_num   ? 
_pdbx_entity_instance_feature.feature_type   'SUBJECT OF INVESTIGATION' 
_pdbx_entity_instance_feature.details        ? 
# 
_atom_sites.entry_id                    7EDW 
_atom_sites.Cartn_transf_matrix[1][1]   ? 
_atom_sites.Cartn_transf_matrix[1][2]   ? 
_atom_sites.Cartn_transf_matrix[1][3]   ? 
_atom_sites.Cartn_transf_matrix[2][1]   ? 
_atom_sites.Cartn_transf_matrix[2][2]   ? 
_atom_sites.Cartn_transf_matrix[2][3]   ? 
_atom_sites.Cartn_transf_matrix[3][1]   ? 
_atom_sites.Cartn_transf_matrix[3][2]   ? 
_atom_sites.Cartn_transf_matrix[3][3]   ? 
_atom_sites.Cartn_transf_vector[1]      ? 
_atom_sites.Cartn_transf_vector[2]      ? 
_atom_sites.Cartn_transf_vector[3]      ? 
_atom_sites.fract_transf_matrix[1][1]   0.02466876 
_atom_sites.fract_transf_matrix[1][2]   0.00487990 
_atom_sites.fract_transf_matrix[1][3]   -0.00975334 
_atom_sites.fract_transf_matrix[2][1]   0.00737815 
_atom_sites.fract_transf_matrix[2][2]   0.00558206 
_atom_sites.fract_transf_matrix[2][3]   0.02145414 
_atom_sites.fract_transf_matrix[3][1]   0.00374780 
_atom_sites.fract_transf_matrix[3][2]   -0.01415885 
_atom_sites.fract_transf_matrix[3][3]   0.00239505 
_atom_sites.fract_transf_vector[1]      0.088553 
_atom_sites.fract_transf_vector[2]      0.691093 
_atom_sites.fract_transf_vector[3]      0.864905 
_atom_sites.solution_primary            ? 
_atom_sites.solution_secondary          ? 
_atom_sites.solution_hydrogens          ? 
_atom_sites.special_details             ? 
# 
loop_
_atom_type.symbol 
AU 
C  
N  
O  
P  
# 
loop_
_atom_site.group_PDB 
_atom_site.id 
_atom_site.type_symbol 
_atom_site.label_atom_id 
_atom_site.label_alt_id 
_atom_site.label_comp_id 
_atom_site.label_asym_id 
_atom_site.label_entity_id 
_atom_site.label_seq_id 
_atom_site.pdbx_PDB_ins_code 
_atom_site.Cartn_x 
_atom_site.Cartn_y 
_atom_site.Cartn_z 
_atom_site.occupancy 
_atom_site.B_iso_or_equiv 
_atom_site.pdbx_formal_charge 
_atom_site.auth_seq_id 
_atom_site.auth_comp_id 
_atom_site.auth_asym_id 
_atom_site.auth_atom_id 
_atom_site.pdbx_PDB_model_num 
ATOM   1   O  "O5'" . DG  A 1 1  ? 13.889  -2.474  0.795   1.00 43.26 ? 1   DG  A "O5'" 1 
ATOM   2   C  "C5'" . DG  A 1 1  ? 14.523  -2.220  -0.444  1.00 40.46 ? 1   DG  A "C5'" 1 
ATOM   3   C  "C4'" . DG  A 1 1  ? 14.429  -3.431  -1.358  1.00 36.36 ? 1   DG  A "C4'" 1 
ATOM   4   O  "O4'" . DG  A 1 1  ? 14.929  -4.602  -0.669  1.00 39.15 ? 1   DG  A "O4'" 1 
ATOM   5   C  "C3'" . DG  A 1 1  ? 13.025  -3.823  -1.751  1.00 37.22 ? 1   DG  A "C3'" 1 
ATOM   6   O  "O3'" . DG  A 1 1  ? 12.580  -3.022  -2.814  1.00 40.13 ? 1   DG  A "O3'" 1 
ATOM   7   C  "C2'" . DG  A 1 1  ? 13.231  -5.270  -2.181  1.00 33.80 ? 1   DG  A "C2'" 1 
ATOM   8   C  "C1'" . DG  A 1 1  ? 14.201  -5.747  -1.109  1.00 36.47 ? 1   DG  A "C1'" 1 
ATOM   9   N  N9    . DG  A 1 1  ? 13.534  -6.345  0.037   1.00 33.44 ? 1   DG  A N9    1 
ATOM   10  C  C8    . DG  A 1 1  ? 13.435  -5.828  1.304   1.00 32.06 ? 1   DG  A C8    1 
ATOM   11  N  N7    . DG  A 1 1  ? 12.758  -6.593  2.124   1.00 37.13 ? 1   DG  A N7    1 
ATOM   12  C  C5    . DG  A 1 1  ? 12.400  -7.688  1.342   1.00 33.52 ? 1   DG  A C5    1 
ATOM   13  C  C6    . DG  A 1 1  ? 11.663  -8.845  1.675   1.00 31.58 ? 1   DG  A C6    1 
ATOM   14  O  O6    . DG  A 1 1  ? 11.176  -9.154  2.759   1.00 34.28 ? 1   DG  A O6    1 
ATOM   15  N  N1    . DG  A 1 1  ? 11.519  -9.697  0.586   1.00 31.83 ? 1   DG  A N1    1 
ATOM   16  C  C2    . DG  A 1 1  ? 12.018  -9.456  -0.668  1.00 31.81 ? 1   DG  A C2    1 
ATOM   17  N  N2    . DG  A 1 1  ? 11.765  -10.385 -1.602  1.00 32.51 ? 1   DG  A N2    1 
ATOM   18  N  N3    . DG  A 1 1  ? 12.712  -8.380  -0.992  1.00 33.55 ? 1   DG  A N3    1 
ATOM   19  C  C4    . DG  A 1 1  ? 12.864  -7.543  0.058   1.00 32.93 ? 1   DG  A C4    1 
ATOM   20  P  P     . DG  A 1 2  ? 11.017  -2.649  -2.941  1.00 42.60 ? 2   DG  A P     1 
ATOM   21  O  OP1   . DG  A 1 2  ? 10.873  -1.645  -4.024  1.00 44.32 ? 2   DG  A OP1   1 
ATOM   22  O  OP2   . DG  A 1 2  ? 10.501  -2.330  -1.599  1.00 36.66 ? 2   DG  A OP2   1 
ATOM   23  O  "O5'" . DG  A 1 2  ? 10.361  -4.012  -3.409  1.00 37.44 ? 2   DG  A "O5'" 1 
ATOM   24  C  "C5'" . DG  A 1 2  ? 10.633  -4.510  -4.702  1.00 36.70 ? 2   DG  A "C5'" 1 
ATOM   25  C  "C4'" . DG  A 1 2  ? 10.075  -5.895  -4.855  1.00 36.70 ? 2   DG  A "C4'" 1 
ATOM   26  O  "O4'" . DG  A 1 2  ? 10.632  -6.751  -3.826  1.00 39.09 ? 2   DG  A "O4'" 1 
ATOM   27  C  "C3'" . DG  A 1 2  ? 8.578   -6.002  -4.657  1.00 39.65 ? 2   DG  A "C3'" 1 
ATOM   28  O  "O3'" . DG  A 1 2  ? 7.910   -5.697  -5.860  1.00 44.40 ? 2   DG  A "O3'" 1 
ATOM   29  C  "C2'" . DG  A 1 2  ? 8.428   -7.472  -4.308  1.00 35.63 ? 2   DG  A "C2'" 1 
ATOM   30  C  "C1'" . DG  A 1 2  ? 9.660   -7.698  -3.427  1.00 36.74 ? 2   DG  A "C1'" 1 
ATOM   31  N  N9    . DG  A 1 2  ? 9.411   -7.529  -1.995  1.00 33.02 ? 2   DG  A N9    1 
ATOM   32  C  C8    . DG  A 1 2  ? 9.787   -6.479  -1.203  1.00 33.91 ? 2   DG  A C8    1 
ATOM   33  N  N7    . DG  A 1 2  ? 9.446   -6.624  0.051   1.00 32.80 ? 2   DG  A N7    1 
ATOM   34  C  C5    . DG  A 1 2  ? 8.817   -7.852  0.087   1.00 34.32 ? 2   DG  A C5    1 
ATOM   35  C  C6    . DG  A 1 2  ? 8.234   -8.554  1.173   1.00 33.29 ? 2   DG  A C6    1 
ATOM   36  O  O6    . DG  A 1 2  ? 8.161   -8.215  2.359   1.00 33.63 ? 2   DG  A O6    1 
ATOM   37  N  N1    . DG  A 1 2  ? 7.704   -9.773  0.768   1.00 31.77 ? 2   DG  A N1    1 
ATOM   38  C  C2    . DG  A 1 2  ? 7.735   -10.252 -0.520  1.00 34.78 ? 2   DG  A C2    1 
ATOM   39  N  N2    . DG  A 1 2  ? 7.176   -11.453 -0.728  1.00 31.52 ? 2   DG  A N2    1 
ATOM   40  N  N3    . DG  A 1 2  ? 8.279   -9.608  -1.535  1.00 34.72 ? 2   DG  A N3    1 
ATOM   41  C  C4    . DG  A 1 2  ? 8.796   -8.424  -1.164  1.00 33.99 ? 2   DG  A C4    1 
ATOM   42  P  P     . DA  A 1 3  ? 6.444   -5.044  -5.822  1.00 43.06 ? 3   DA  A P     1 
ATOM   43  O  OP1   . DA  A 1 3  ? 6.145   -4.606  -7.209  1.00 47.18 ? 3   DA  A OP1   1 
ATOM   44  O  OP2   . DA  A 1 3  ? 6.402   -4.076  -4.712  1.00 39.66 ? 3   DA  A OP2   1 
ATOM   45  O  "O5'" . DA  A 1 3  ? 5.476   -6.265  -5.469  1.00 39.73 ? 3   DA  A "O5'" 1 
ATOM   46  C  "C5'" . DA  A 1 3  ? 5.442   -7.407  -6.312  1.00 43.11 ? 3   DA  A "C5'" 1 
ATOM   47  C  "C4'" . DA  A 1 3  ? 4.555   -8.504  -5.737  1.00 38.72 ? 3   DA  A "C4'" 1 
ATOM   48  O  "O4'" . DA  A 1 3  ? 5.243   -9.183  -4.658  1.00 41.43 ? 3   DA  A "O4'" 1 
ATOM   49  C  "C3'" . DA  A 1 3  ? 3.244   -8.044  -5.126  1.00 39.33 ? 3   DA  A "C3'" 1 
ATOM   50  O  "O3'" . DA  A 1 3  ? 2.254   -7.892  -6.144  1.00 40.76 ? 3   DA  A "O3'" 1 
ATOM   51  C  "C2'" . DA  A 1 3  ? 2.921   -9.219  -4.203  1.00 38.41 ? 3   DA  A "C2'" 1 
ATOM   52  C  "C1'" . DA  A 1 3  ? 4.306   -9.551  -3.646  1.00 40.06 ? 3   DA  A "C1'" 1 
ATOM   53  N  N9    . DA  A 1 3  ? 4.638   -8.803  -2.431  1.00 33.74 ? 3   DA  A N9    1 
ATOM   54  C  C8    . DA  A 1 3  ? 5.298   -7.611  -2.371  1.00 34.35 ? 3   DA  A C8    1 
ATOM   55  N  N7    . DA  A 1 3  ? 5.467   -7.164  -1.157  1.00 33.14 ? 3   DA  A N7    1 
ATOM   56  C  C5    . DA  A 1 3  ? 4.876   -8.122  -0.360  1.00 30.34 ? 3   DA  A C5    1 
ATOM   57  C  C6    . DA  A 1 3  ? 4.722   -8.217  1.031   1.00 31.34 ? 3   DA  A C6    1 
ATOM   58  N  N6    . DA  A 1 3  ? 5.180   -7.285  1.881   1.00 31.29 ? 3   DA  A N6    1 
ATOM   59  N  N1    . DA  A 1 3  ? 4.084   -9.298  1.518   1.00 32.45 ? 3   DA  A N1    1 
ATOM   60  C  C2    . DA  A 1 3  ? 3.625   -10.215 0.654   1.00 34.74 ? 3   DA  A C2    1 
ATOM   61  N  N3    . DA  A 1 3  ? 3.708   -10.228 -0.678  1.00 33.00 ? 3   DA  A N3    1 
ATOM   62  C  C4    . DA  A 1 3  ? 4.350   -9.140  -1.124  1.00 32.73 ? 3   DA  A C4    1 
ATOM   63  P  P     . DC  A 1 4  ? 1.142   -6.731  -6.059  1.00 43.72 ? 4   DC  A P     1 
ATOM   64  O  OP1   . DC  A 1 4  ? 0.399   -6.803  -7.333  1.00 48.99 ? 4   DC  A OP1   1 
ATOM   65  O  OP2   . DC  A 1 4  ? 1.763   -5.454  -5.644  1.00 43.25 ? 4   DC  A OP2   1 
ATOM   66  O  "O5'" . DC  A 1 4  ? 0.180   -7.198  -4.862  1.00 41.89 ? 4   DC  A "O5'" 1 
ATOM   67  C  "C5'" . DC  A 1 4  ? -0.588  -8.395  -4.996  1.00 37.94 ? 4   DC  A "C5'" 1 
ATOM   68  C  "C4'" . DC  A 1 4  ? -1.033  -8.937  -3.645  1.00 34.24 ? 4   DC  A "C4'" 1 
ATOM   69  O  "O4'" . DC  A 1 4  ? 0.125   -9.291  -2.840  1.00 39.84 ? 4   DC  A "O4'" 1 
ATOM   70  C  "C3'" . DC  A 1 4  ? -1.816  -7.984  -2.753  1.00 34.75 ? 4   DC  A "C3'" 1 
ATOM   71  O  "O3'" . DC  A 1 4  ? -3.180  -7.910  -3.176  1.00 39.83 ? 4   DC  A "O3'" 1 
ATOM   72  C  "C2'" . DC  A 1 4  ? -1.672  -8.705  -1.414  1.00 35.55 ? 4   DC  A "C2'" 1 
ATOM   73  C  "C1'" . DC  A 1 4  ? -0.192  -9.107  -1.461  1.00 37.31 ? 4   DC  A "C1'" 1 
ATOM   74  N  N1    . DC  A 1 4  ? 0.708   -8.045  -0.890  1.00 31.42 ? 4   DC  A N1    1 
ATOM   75  C  C2    . DC  A 1 4  ? 0.900   -7.977  0.493   1.00 31.24 ? 4   DC  A C2    1 
ATOM   76  O  O2    . DC  A 1 4  ? 0.355   -8.809  1.210   1.00 34.32 ? 4   DC  A O2    1 
ATOM   77  N  N3    . DC  A 1 4  ? 1.696   -7.011  1.003   1.00 29.45 ? 4   DC  A N3    1 
ATOM   78  C  C4    . DC  A 1 4  ? 2.265   -6.125  0.196   1.00 31.83 ? 4   DC  A C4    1 
ATOM   79  N  N4    . DC  A 1 4  ? 3.037   -5.185  0.745   1.00 28.50 ? 4   DC  A N4    1 
ATOM   80  C  C5    . DC  A 1 4  ? 2.077   -6.163  -1.218  1.00 34.70 ? 4   DC  A C5    1 
ATOM   81  C  C6    . DC  A 1 4  ? 1.298   -7.134  -1.713  1.00 36.35 ? 4   DC  A C6    1 
ATOM   82  P  P     . DC  A 1 5  ? -4.077  -6.602  -2.907  1.00 39.03 ? 5   DC  A P     1 
ATOM   83  O  OP1   . DC  A 1 5  ? -5.283  -6.756  -3.734  1.00 39.24 ? 5   DC  A OP1   1 
ATOM   84  O  OP2   . DC  A 1 5  ? -3.285  -5.364  -3.037  1.00 40.05 ? 5   DC  A OP2   1 
ATOM   85  O  "O5'" . DC  A 1 5  ? -4.489  -6.739  -1.365  1.00 34.84 ? 5   DC  A "O5'" 1 
ATOM   86  C  "C5'" . DC  A 1 5  ? -5.240  -7.866  -0.938  1.00 35.16 ? 5   DC  A "C5'" 1 
ATOM   87  C  "C4'" . DC  A 1 5  ? -5.277  -7.968  0.576   1.00 35.31 ? 5   DC  A "C4'" 1 
ATOM   88  O  "O4'" . DC  A 1 5  ? -3.951  -8.247  1.079   1.00 36.15 ? 5   DC  A "O4'" 1 
ATOM   89  C  "C3'" . DC  A 1 5  ? -5.695  -6.714  1.316   1.00 35.23 ? 5   DC  A "C3'" 1 
ATOM   90  O  "O3'" . DC  A 1 5  ? -7.093  -6.613  1.359   1.00 37.50 ? 5   DC  A "O3'" 1 
ATOM   91  C  "C2'" . DC  A 1 5  ? -5.134  -6.994  2.697   1.00 34.12 ? 5   DC  A "C2'" 1 
ATOM   92  C  "C1'" . DC  A 1 5  ? -3.800  -7.643  2.352   1.00 34.73 ? 5   DC  A "C1'" 1 
ATOM   93  N  N1    . DC  A 1 5  ? -2.685  -6.660  2.302   1.00 31.28 ? 5   DC  A N1    1 
ATOM   94  C  C2    . DC  A 1 5  ? -2.087  -6.265  3.496   1.00 31.95 ? 5   DC  A C2    1 
ATOM   95  O  O2    . DC  A 1 5  ? -2.490  -6.752  4.557   1.00 32.84 ? 5   DC  A O2    1 
ATOM   96  N  N3    . DC  A 1 5  ? -1.080  -5.360  3.463   1.00 29.45 ? 5   DC  A N3    1 
ATOM   97  C  C4    . DC  A 1 5  ? -0.672  -4.861  2.306   1.00 28.43 ? 5   DC  A C4    1 
ATOM   98  N  N4    . DC  A 1 5  ? 0.335   -3.985  2.337   1.00 26.90 ? 5   DC  A N4    1 
ATOM   99  C  C5    . DC  A 1 5  ? -1.271  -5.239  1.068   1.00 28.52 ? 5   DC  A C5    1 
ATOM   100 C  C6    . DC  A 1 5  ? -2.269  -6.143  1.112   1.00 29.56 ? 5   DC  A C6    1 
ATOM   101 P  P     . DT  A 1 6  ? -7.789  -5.167  1.358   1.00 36.72 ? 6   DT  A P     1 
ATOM   102 O  OP1   . DT  A 1 6  ? -9.249  -5.380  1.458   1.00 35.70 ? 6   DT  A OP1   1 
ATOM   103 O  OP2   . DT  A 1 6  ? -7.198  -4.403  0.242   1.00 34.16 ? 6   DT  A OP2   1 
ATOM   104 O  "O5'" . DT  A 1 6  ? -7.284  -4.480  2.709   1.00 34.88 ? 6   DT  A "O5'" 1 
ATOM   105 C  "C5'" . DT  A 1 6  ? -7.768  -4.935  3.962   1.00 34.86 ? 6   DT  A "C5'" 1 
ATOM   106 C  "C4'" . DT  A 1 6  ? -7.007  -4.290  5.111   1.00 32.92 ? 6   DT  A "C4'" 1 
ATOM   107 O  "O4'" . DT  A 1 6  ? -5.601  -4.660  5.048   1.00 31.18 ? 6   DT  A "O4'" 1 
ATOM   108 C  "C3'" . DT  A 1 6  ? -6.986  -2.772  5.123   1.00 29.75 ? 6   DT  A "C3'" 1 
ATOM   109 O  "O3'" . DT  A 1 6  ? -8.203  -2.263  5.670   1.00 34.92 ? 6   DT  A "O3'" 1 
ATOM   110 C  "C2'" . DT  A 1 6  ? -5.809  -2.536  6.057   1.00 30.24 ? 6   DT  A "C2'" 1 
ATOM   111 C  "C1'" . DT  A 1 6  ? -4.817  -3.587  5.541   1.00 30.21 ? 6   DT  A "C1'" 1 
ATOM   112 N  N1    . DT  A 1 6  ? -3.946  -3.046  4.433   1.00 29.19 ? 6   DT  A N1    1 
ATOM   113 C  C2    . DT  A 1 6  ? -2.860  -2.286  4.775   1.00 29.29 ? 6   DT  A C2    1 
ATOM   114 O  O2    . DT  A 1 6  ? -2.555  -2.054  5.924   1.00 28.80 ? 6   DT  A O2    1 
ATOM   115 N  N3    . DT  A 1 6  ? -2.137  -1.799  3.718   1.00 27.50 ? 6   DT  A N3    1 
ATOM   116 C  C4    . DT  A 1 6  ? -2.398  -1.987  2.375   1.00 29.20 ? 6   DT  A C4    1 
ATOM   117 O  O4    . DT  A 1 6  ? -1.697  -1.504  1.494   1.00 27.01 ? 6   DT  A O4    1 
ATOM   118 C  C5    . DT  A 1 6  ? -3.562  -2.784  2.078   1.00 30.21 ? 6   DT  A C5    1 
ATOM   119 C  C7    . DT  A 1 6  ? -3.943  -3.041  0.647   1.00 30.85 ? 6   DT  A C7    1 
ATOM   120 C  C6    . DT  A 1 6  ? -4.282  -3.266  3.109   1.00 29.07 ? 6   DT  A C6    1 
ATOM   121 P  P     . DT  A 1 7  ? -8.708  -0.776  5.324   1.00 35.45 ? 7   DT  A P     1 
ATOM   122 O  OP1   . DT  A 1 7  ? -10.084 -0.711  5.848   1.00 36.58 ? 7   DT  A OP1   1 
ATOM   123 O  OP2   . DT  A 1 7  ? -8.415  -0.455  3.909   1.00 32.68 ? 7   DT  A OP2   1 
ATOM   124 O  "O5'" . DT  A 1 7  ? -7.760  0.176   6.193   1.00 36.25 ? 7   DT  A "O5'" 1 
ATOM   125 C  "C5'" . DT  A 1 7  ? -7.863  0.196   7.610   1.00 34.19 ? 7   DT  A "C5'" 1 
ATOM   126 C  "C4'" . DT  A 1 7  ? -6.984  1.294   8.214   1.00 35.47 ? 7   DT  A "C4'" 1 
ATOM   127 O  "O4'" . DT  A 1 7  ? -5.581  0.993   7.987   1.00 34.09 ? 7   DT  A "O4'" 1 
ATOM   128 C  "C3'" . DT  A 1 7  ? -7.139  2.665   7.603   1.00 31.30 ? 7   DT  A "C3'" 1 
ATOM   129 O  "O3'" . DT  A 1 7  ? -8.269  3.304   8.097   1.00 36.23 ? 7   DT  A "O3'" 1 
ATOM   130 C  "C2'" . DT  A 1 7  ? -5.860  3.343   8.073   1.00 33.13 ? 7   DT  A "C2'" 1 
ATOM   131 C  "C1'" . DT  A 1 7  ? -4.854  2.215   7.865   1.00 33.20 ? 7   DT  A "C1'" 1 
ATOM   132 N  N1    . DT  A 1 7  ? -4.202  2.265   6.525   1.00 31.93 ? 7   DT  A N1    1 
ATOM   133 C  C2    . DT  A 1 7  ? -3.165  3.135   6.332   1.00 30.97 ? 7   DT  A C2    1 
ATOM   134 O  O2    . DT  A 1 7  ? -2.752  3.865   7.207   1.00 31.05 ? 7   DT  A O2    1 
ATOM   135 N  N3    . DT  A 1 7  ? -2.617  3.112   5.071   1.00 28.22 ? 7   DT  A N3    1 
ATOM   136 C  C4    . DT  A 1 7  ? -3.007  2.327   4.012   1.00 29.18 ? 7   DT  A C4    1 
ATOM   137 O  O4    . DT  A 1 7  ? -2.460  2.386   2.919   1.00 30.40 ? 7   DT  A O4    1 
ATOM   138 C  C5    . DT  A 1 7  ? -4.111  1.440   4.280   1.00 31.73 ? 7   DT  A C5    1 
ATOM   139 C  C7    . DT  A 1 7  ? -4.634  0.535   3.199   1.00 32.34 ? 7   DT  A C7    1 
ATOM   140 C  C6    . DT  A 1 7  ? -4.649  1.451   5.511   1.00 29.15 ? 7   DT  A C6    1 
ATOM   141 P  P     . DG  A 1 8  ? -9.081  4.294   7.138   1.00 36.50 ? 8   DG  A P     1 
ATOM   142 O  OP1   . DG  A 1 8  ? -10.276 4.716   7.915   1.00 36.44 ? 8   DG  A OP1   1 
ATOM   143 O  OP2   . DG  A 1 8  ? -9.213  3.642   5.817   1.00 36.39 ? 8   DG  A OP2   1 
ATOM   144 O  "O5'" . DG  A 1 8  ? -8.077  5.522   6.925   1.00 32.34 ? 8   DG  A "O5'" 1 
ATOM   145 C  "C5'" . DG  A 1 8  ? -7.729  6.352   8.023   1.00 32.27 ? 8   DG  A "C5'" 1 
ATOM   146 C  "C4'" . DG  A 1 8  ? -6.572  7.260   7.652   1.00 31.06 ? 8   DG  A "C4'" 1 
ATOM   147 O  "O4'" . DG  A 1 8  ? -5.434  6.459   7.260   1.00 32.96 ? 8   DG  A "O4'" 1 
ATOM   148 C  "C3'" . DG  A 1 8  ? -6.821  8.157   6.462   1.00 34.05 ? 8   DG  A "C3'" 1 
ATOM   149 O  "O3'" . DG  A 1 8  ? -7.514  9.328   6.888   1.00 39.75 ? 8   DG  A "O3'" 1 
ATOM   150 C  "C2'" . DG  A 1 8  ? -5.393  8.478   6.033   1.00 31.81 ? 8   DG  A "C2'" 1 
ATOM   151 C  "C1'" . DG  A 1 8  ? -4.681  7.150   6.282   1.00 31.71 ? 8   DG  A "C1'" 1 
ATOM   152 N  N9    . DG  A 1 8  ? -4.591  6.340   5.070   1.00 31.61 ? 8   DG  A N9    1 
ATOM   153 C  C8    . DG  A 1 8  ? -5.419  5.315   4.675   1.00 29.92 ? 8   DG  A C8    1 
ATOM   154 N  N7    . DG  A 1 8  ? -5.092  4.813   3.509   1.00 32.02 ? 8   DG  A N7    1 
ATOM   155 C  C5    . DG  A 1 8  ? -3.991  5.565   3.114   1.00 31.24 ? 8   DG  A C5    1 
ATOM   156 C  C6    . DG  A 1 8  ? -3.208  5.497   1.945   1.00 30.25 ? 8   DG  A C6    1 
ATOM   157 O  O6    . DG  A 1 8  ? -3.330  4.726   0.990   1.00 30.21 ? 8   DG  A O6    1 
ATOM   158 N  N1    . DG  A 1 8  ? -2.183  6.445   1.955   1.00 29.00 ? 8   DG  A N1    1 
ATOM   159 C  C2    . DG  A 1 8  ? -1.964  7.349   2.968   1.00 34.33 ? 8   DG  A C2    1 
ATOM   160 N  N2    . DG  A 1 8  ? -0.930  8.201   2.817   1.00 29.63 ? 8   DG  A N2    1 
ATOM   161 N  N3    . DG  A 1 8  ? -2.700  7.420   4.055   1.00 33.15 ? 8   DG  A N3    1 
ATOM   162 C  C4    . DG  A 1 8  ? -3.679  6.503   4.066   1.00 28.53 ? 8   DG  A C4    1 
ATOM   163 P  P     . DG  A 1 9  ? -8.132  10.371  5.827   1.00 38.84 ? 9   DG  A P     1 
ATOM   164 O  OP1   . DG  A 1 9  ? -8.812  11.385  6.648   1.00 43.96 ? 9   DG  A OP1   1 
ATOM   165 O  OP2   . DG  A 1 9  ? -8.866  9.668   4.764   1.00 40.11 ? 9   DG  A OP2   1 
ATOM   166 O  "O5'" . DG  A 1 9  ? -6.855  11.035  5.161   1.00 36.99 ? 9   DG  A "O5'" 1 
ATOM   167 C  "C5'" . DG  A 1 9  ? -6.829  11.305  3.787   1.00 33.35 ? 9   DG  A "C5'" 1 
ATOM   168 C  "C4'" . DG  A 1 9  ? -5.441  11.744  3.399   1.00 36.62 ? 9   DG  A "C4'" 1 
ATOM   169 O  "O4'" . DG  A 1 9  ? -4.559  10.592  3.414   1.00 35.00 ? 9   DG  A "O4'" 1 
ATOM   170 C  "C3'" . DG  A 1 9  ? -5.312  12.342  2.007   1.00 35.92 ? 9   DG  A "C3'" 1 
ATOM   171 O  "O3'" . DG  A 1 9  ? -5.534  13.746  2.073   1.00 41.48 ? 9   DG  A "O3'" 1 
ATOM   172 C  "C2'" . DG  A 1 9  ? -3.863  12.024  1.660   1.00 34.54 ? 9   DG  A "C2'" 1 
ATOM   173 C  "C1'" . DG  A 1 9  ? -3.685  10.647  2.308   1.00 37.54 ? 9   DG  A "C1'" 1 
ATOM   174 N  N9    . DG  A 1 9  ? -3.983  9.522   1.433   1.00 31.58 ? 9   DG  A N9    1 
ATOM   175 C  C8    . DG  A 1 9  ? -5.004  8.619   1.569   1.00 32.67 ? 9   DG  A C8    1 
ATOM   176 N  N7    . DG  A 1 9  ? -5.008  7.700   0.649   1.00 32.41 ? 9   DG  A N7    1 
ATOM   177 C  C5    . DG  A 1 9  ? -3.927  8.011   -0.144  1.00 28.64 ? 9   DG  A C5    1 
ATOM   178 C  C6    . DG  A 1 9  ? -3.428  7.358   -1.289  1.00 30.66 ? 9   DG  A C6    1 
ATOM   179 O  O6    . DG  A 1 9  ? -3.866  6.341   -1.840  1.00 31.21 ? 9   DG  A O6    1 
ATOM   180 N  N1    . DG  A 1 9  ? -2.288  7.987   -1.784  1.00 32.02 ? 9   DG  A N1    1 
ATOM   181 C  C2    . DG  A 1 9  ? -1.722  9.126   -1.243  1.00 32.31 ? 9   DG  A C2    1 
ATOM   182 N  N2    . DG  A 1 9  ? -0.634  9.599   -1.855  1.00 30.91 ? 9   DG  A N2    1 
ATOM   183 N  N3    . DG  A 1 9  ? -2.181  9.742   -0.168  1.00 32.61 ? 9   DG  A N3    1 
ATOM   184 C  C4    . DG  A 1 9  ? -3.278  9.128   0.330   1.00 31.25 ? 9   DG  A C4    1 
ATOM   185 P  P     . DT  A 1 10 ? -6.216  14.529  0.843   1.00 41.40 ? 10  DT  A P     1 
ATOM   186 O  OP1   . DT  A 1 10 ? -6.426  15.916  1.332   1.00 45.87 ? 10  DT  A OP1   1 
ATOM   187 O  OP2   . DT  A 1 10 ? -7.384  13.755  0.375   1.00 40.26 ? 10  DT  A OP2   1 
ATOM   188 O  "O5'" . DT  A 1 10 ? -5.095  14.531  -0.289  1.00 38.73 ? 10  DT  A "O5'" 1 
ATOM   189 C  "C5'" . DT  A 1 10 ? -3.904  15.287  -0.104  1.00 41.99 ? 10  DT  A "C5'" 1 
ATOM   190 C  "C4'" . DT  A 1 10 ? -2.990  15.158  -1.312  1.00 41.58 ? 10  DT  A "C4'" 1 
ATOM   191 O  "O4'" . DT  A 1 10 ? -2.420  13.827  -1.342  1.00 41.01 ? 10  DT  A "O4'" 1 
ATOM   192 C  "C3'" . DT  A 1 10 ? -3.679  15.319  -2.659  1.00 41.29 ? 10  DT  A "C3'" 1 
ATOM   193 O  "O3'" . DT  A 1 10 ? -3.700  16.695  -3.047  1.00 46.08 ? 10  DT  A "O3'" 1 
ATOM   194 C  "C2'" . DT  A 1 10 ? -2.779  14.522  -3.578  1.00 39.51 ? 10  DT  A "C2'" 1 
ATOM   195 C  "C1'" . DT  A 1 10 ? -2.332  13.381  -2.681  1.00 41.31 ? 10  DT  A "C1'" 1 
ATOM   196 N  N1    . DT  A 1 10 ? -3.148  12.147  -2.853  1.00 36.13 ? 10  DT  A N1    1 
ATOM   197 C  C2    . DT  A 1 10 ? -2.793  11.289  -3.847  1.00 36.75 ? 10  DT  A C2    1 
ATOM   198 O  O2    . DT  A 1 10 ? -1.845  11.504  -4.590  1.00 37.16 ? 10  DT  A O2    1 
ATOM   199 N  N3    . DT  A 1 10 ? -3.581  10.169  -3.955  1.00 32.74 ? 10  DT  A N3    1 
ATOM   200 C  C4    . DT  A 1 10 ? -4.675  9.844   -3.181  1.00 32.95 ? 10  DT  A C4    1 
ATOM   201 O  O4    . DT  A 1 10 ? -5.316  8.805   -3.350  1.00 34.41 ? 10  DT  A O4    1 
ATOM   202 C  C5    . DT  A 1 10 ? -5.011  10.799  -2.152  1.00 33.71 ? 10  DT  A C5    1 
ATOM   203 C  C7    . DT  A 1 10 ? -6.192  10.548  -1.255  1.00 33.27 ? 10  DT  A C7    1 
ATOM   204 C  C6    . DT  A 1 10 ? -4.244  11.902  -2.036  1.00 33.44 ? 10  DT  A C6    1 
ATOM   205 P  P     . DC  A 1 11 ? -4.896  17.251  -3.968  1.00 47.24 ? 11  DC  A P     1 
ATOM   206 O  OP1   . DC  A 1 11 ? -4.621  18.698  -4.140  1.00 54.02 ? 11  DC  A OP1   1 
ATOM   207 O  OP2   . DC  A 1 11 ? -6.184  16.819  -3.390  1.00 44.22 ? 11  DC  A OP2   1 
ATOM   208 O  "O5'" . DC  A 1 11 ? -4.759  16.443  -5.354  1.00 43.58 ? 11  DC  A "O5'" 1 
ATOM   209 C  "C5'" . DC  A 1 11 ? -3.702  16.741  -6.253  1.00 44.93 ? 11  DC  A "C5'" 1 
ATOM   210 C  "C4'" . DC  A 1 11 ? -3.506  15.637  -7.294  1.00 41.92 ? 11  DC  A "C4'" 1 
ATOM   211 O  "O4'" . DC  A 1 11 ? -3.314  14.359  -6.650  1.00 44.11 ? 11  DC  A "O4'" 1 
ATOM   212 C  "C3'" . DC  A 1 11 ? -4.667  15.380  -8.242  1.00 39.50 ? 11  DC  A "C3'" 1 
ATOM   213 O  "O3'" . DC  A 1 11 ? -4.692  16.362  -9.270  1.00 42.73 ? 11  DC  A "O3'" 1 
ATOM   214 C  "C2'" . DC  A 1 11 ? -4.275  14.014  -8.800  1.00 39.02 ? 11  DC  A "C2'" 1 
ATOM   215 C  "C1'" . DC  A 1 11 ? -3.658  13.330  -7.571  1.00 39.67 ? 11  DC  A "C1'" 1 
ATOM   216 N  N1    . DC  A 1 11 ? -4.597  12.376  -6.927  1.00 37.92 ? 11  DC  A N1    1 
ATOM   217 C  C2    . DC  A 1 11 ? -4.641  11.065  -7.391  1.00 35.23 ? 11  DC  A C2    1 
ATOM   218 O  O2    . DC  A 1 11 ? -3.870  10.728  -8.306  1.00 34.80 ? 11  DC  A O2    1 
ATOM   219 N  N3    . DC  A 1 11 ? -5.515  10.197  -6.829  1.00 32.50 ? 11  DC  A N3    1 
ATOM   220 C  C4    . DC  A 1 11 ? -6.326  10.605  -5.857  1.00 34.28 ? 11  DC  A C4    1 
ATOM   221 N  N4    . DC  A 1 11 ? -7.166  9.707   -5.327  1.00 33.36 ? 11  DC  A N4    1 
ATOM   222 C  C5    . DC  A 1 11 ? -6.306  11.950  -5.374  1.00 36.24 ? 11  DC  A C5    1 
ATOM   223 C  C6    . DC  A 1 11 ? -5.440  12.797  -5.944  1.00 36.48 ? 11  DC  A C6    1 
ATOM   224 P  P     . DC  A 1 12 ? -6.014  16.588  -10.159 1.00 45.21 ? 12  DC  A P     1 
ATOM   225 O  OP1   . DC  A 1 12 ? -5.840  17.894  -10.812 1.00 49.02 ? 12  DC  A OP1   1 
ATOM   226 O  OP2   . DC  A 1 12 ? -7.238  16.356  -9.361  1.00 42.55 ? 12  DC  A OP2   1 
ATOM   227 O  "O5'" . DC  A 1 12 ? -5.948  15.410  -11.242 1.00 42.50 ? 12  DC  A "O5'" 1 
ATOM   228 C  "C5'" . DC  A 1 12 ? -4.860  15.331  -12.144 1.00 42.41 ? 12  DC  A "C5'" 1 
ATOM   229 C  "C4'" . DC  A 1 12 ? -4.839  13.984  -12.851 1.00 41.48 ? 12  DC  A "C4'" 1 
ATOM   230 O  "O4'" . DC  A 1 12 ? -5.046  12.923  -11.884 1.00 41.59 ? 12  DC  A "O4'" 1 
ATOM   231 C  "C3'" . DC  A 1 12 ? -5.906  13.790  -13.937 1.00 42.09 ? 12  DC  A "C3'" 1 
ATOM   232 O  "O3'" . DC  A 1 12 ? -5.326  13.149  -15.093 1.00 42.57 ? 12  DC  A "O3'" 1 
ATOM   233 C  "C2'" . DC  A 1 12 ? -6.919  12.881  -13.265 1.00 39.00 ? 12  DC  A "C2'" 1 
ATOM   234 C  "C1'" . DC  A 1 12 ? -6.022  12.041  -12.363 1.00 35.87 ? 12  DC  A "C1'" 1 
ATOM   235 N  N1    . DC  A 1 12 ? -6.751  11.476  -11.214 1.00 32.85 ? 12  DC  A N1    1 
ATOM   236 C  C2    . DC  A 1 12 ? -7.080  10.129  -11.220 1.00 33.71 ? 12  DC  A C2    1 
ATOM   237 O  O2    . DC  A 1 12 ? -6.717  9.438   -12.176 1.00 32.43 ? 12  DC  A O2    1 
ATOM   238 N  N3    . DC  A 1 12 ? -7.771  9.615   -10.173 1.00 32.37 ? 12  DC  A N3    1 
ATOM   239 C  C4    . DC  A 1 12 ? -8.133  10.406  -9.162  1.00 31.97 ? 12  DC  A C4    1 
ATOM   240 N  N4    . DC  A 1 12 ? -8.819  9.862   -8.162  1.00 32.79 ? 12  DC  A N4    1 
ATOM   241 C  C5    . DC  A 1 12 ? -7.815  11.791  -9.144  1.00 35.80 ? 12  DC  A C5    1 
ATOM   242 C  C6    . DC  A 1 12 ? -7.136  12.284  -10.190 1.00 36.53 ? 12  DC  A C6    1 
ATOM   243 O  "O5'" . DG  B 1 1  ? -12.710 0.548   -9.668  1.00 39.93 ? 13  DG  B "O5'" 1 
ATOM   244 C  "C5'" . DG  B 1 1  ? -12.364 -0.298  -10.755 1.00 36.99 ? 13  DG  B "C5'" 1 
ATOM   245 C  "C4'" . DG  B 1 1  ? -11.395 0.397   -11.697 1.00 37.08 ? 13  DG  B "C4'" 1 
ATOM   246 O  "O4'" . DG  B 1 1  ? -11.882 1.730   -12.018 1.00 39.77 ? 13  DG  B "O4'" 1 
ATOM   247 C  "C3'" . DG  B 1 1  ? -10.025 0.640   -11.126 1.00 38.02 ? 13  DG  B "C3'" 1 
ATOM   248 O  "O3'" . DG  B 1 1  ? -9.237  -0.532  -11.231 1.00 40.71 ? 13  DG  B "O3'" 1 
ATOM   249 C  "C2'" . DG  B 1 1  ? -9.516  1.754   -12.033 1.00 36.13 ? 13  DG  B "C2'" 1 
ATOM   250 C  "C1'" . DG  B 1 1  ? -10.772 2.613   -12.174 1.00 36.38 ? 13  DG  B "C1'" 1 
ATOM   251 N  N9    . DG  B 1 1  ? -10.850 3.650   -11.160 1.00 35.03 ? 13  DG  B N9    1 
ATOM   252 C  C8    . DG  B 1 1  ? -11.701 3.691   -10.085 1.00 38.49 ? 13  DG  B C8    1 
ATOM   253 N  N7    . DG  B 1 1  ? -11.519 4.728   -9.322  1.00 35.28 ? 13  DG  B N7    1 
ATOM   254 C  C5    . DG  B 1 1  ? -10.476 5.419   -9.930  1.00 33.60 ? 13  DG  B C5    1 
ATOM   255 C  C6    . DG  B 1 1  ? -9.842  6.622   -9.552  1.00 32.37 ? 13  DG  B C6    1 
ATOM   256 O  O6    . DG  B 1 1  ? -10.089 7.333   -8.582  1.00 36.09 ? 13  DG  B O6    1 
ATOM   257 N  N1    . DG  B 1 1  ? -8.828  6.984   -10.441 1.00 31.28 ? 13  DG  B N1    1 
ATOM   258 C  C2    . DG  B 1 1  ? -8.466  6.257   -11.550 1.00 33.94 ? 13  DG  B C2    1 
ATOM   259 N  N2    . DG  B 1 1  ? -7.455  6.751   -12.293 1.00 30.88 ? 13  DG  B N2    1 
ATOM   260 N  N3    . DG  B 1 1  ? -9.054  5.120   -11.912 1.00 34.34 ? 13  DG  B N3    1 
ATOM   261 C  C4    . DG  B 1 1  ? -10.047 4.764   -11.056 1.00 33.54 ? 13  DG  B C4    1 
ATOM   262 P  P     . DG  B 1 2  ? -8.114  -0.831  -10.126 1.00 44.65 ? 14  DG  B P     1 
ATOM   263 O  OP1   . DG  B 1 2  ? -7.561  -2.159  -10.455 1.00 43.40 ? 14  DG  B OP1   1 
ATOM   264 O  OP2   . DG  B 1 2  ? -8.724  -0.513  -8.808  1.00 42.77 ? 14  DG  B OP2   1 
ATOM   265 O  "O5'" . DG  B 1 2  ? -6.981  0.255   -10.424 1.00 41.60 ? 14  DG  B "O5'" 1 
ATOM   266 C  "C5'" . DG  B 1 2  ? -6.272  0.189   -11.656 1.00 40.50 ? 14  DG  B "C5'" 1 
ATOM   267 C  "C4'" . DG  B 1 2  ? -5.437  1.438   -11.880 1.00 38.94 ? 14  DG  B "C4'" 1 
ATOM   268 O  "O4'" . DG  B 1 2  ? -6.268  2.613   -11.783 1.00 40.45 ? 14  DG  B "O4'" 1 
ATOM   269 C  "C3'" . DG  B 1 2  ? -4.351  1.686   -10.859 1.00 38.41 ? 14  DG  B "C3'" 1 
ATOM   270 O  "O3'" . DG  B 1 2  ? -3.226  0.884   -11.145 1.00 42.48 ? 14  DG  B "O3'" 1 
ATOM   271 C  "C2'" . DG  B 1 2  ? -4.064  3.163   -11.105 1.00 37.16 ? 14  DG  B "C2'" 1 
ATOM   272 C  "C1'" . DG  B 1 2  ? -5.472  3.701   -11.331 1.00 34.96 ? 14  DG  B "C1'" 1 
ATOM   273 N  N9    . DG  B 1 2  ? -6.076  4.257   -10.124 1.00 35.23 ? 14  DG  B N9    1 
ATOM   274 C  C8    . DG  B 1 2  ? -7.005  3.667   -9.302  1.00 35.09 ? 14  DG  B C8    1 
ATOM   275 N  N7    . DG  B 1 2  ? -7.358  4.425   -8.298  1.00 33.53 ? 14  DG  B N7    1 
ATOM   276 C  C5    . DG  B 1 2  ? -6.609  5.578   -8.469  1.00 34.03 ? 14  DG  B C5    1 
ATOM   277 C  C6    . DG  B 1 2  ? -6.564  6.759   -7.694  1.00 34.78 ? 14  DG  B C6    1 
ATOM   278 O  O6    . DG  B 1 2  ? -7.203  7.024   -6.666  1.00 32.37 ? 14  DG  B O6    1 
ATOM   279 N  N1    . DG  B 1 2  ? -5.670  7.690   -8.226  1.00 30.53 ? 14  DG  B N1    1 
ATOM   280 C  C2    . DG  B 1 2  ? -4.910  7.494   -9.357  1.00 32.26 ? 14  DG  B C2    1 
ATOM   281 N  N2    . DG  B 1 2  ? -4.101  8.497   -9.720  1.00 32.35 ? 14  DG  B N2    1 
ATOM   282 N  N3    . DG  B 1 2  ? -4.949  6.395   -10.089 1.00 32.99 ? 14  DG  B N3    1 
ATOM   283 C  C4    . DG  B 1 2  ? -5.818  5.486   -9.587  1.00 33.72 ? 14  DG  B C4    1 
ATOM   284 P  P     . DA  B 1 3  ? -2.115  0.619   -10.018 1.00 41.45 ? 15  DA  B P     1 
ATOM   285 O  OP1   . DA  B 1 3  ? -1.226  -0.427  -10.558 1.00 43.89 ? 15  DA  B OP1   1 
ATOM   286 O  OP2   . DA  B 1 3  ? -2.804  0.407   -8.730  1.00 44.23 ? 15  DA  B OP2   1 
ATOM   287 O  "O5'" . DA  B 1 3  ? -1.292  1.986   -9.956  1.00 41.83 ? 15  DA  B "O5'" 1 
ATOM   288 C  "C5'" . DA  B 1 3  ? -0.489  2.378   -11.066 1.00 41.32 ? 15  DA  B "C5'" 1 
ATOM   289 C  "C4'" . DA  B 1 3  ? 0.130   3.743   -10.842 1.00 38.95 ? 15  DA  B "C4'" 1 
ATOM   290 O  "O4'" . DA  B 1 3  ? -0.912  4.746   -10.761 1.00 39.71 ? 15  DA  B "O4'" 1 
ATOM   291 C  "C3'" . DA  B 1 3  ? 0.898   3.895   -9.540  1.00 37.62 ? 15  DA  B "C3'" 1 
ATOM   292 O  "O3'" . DA  B 1 3  ? 2.217   3.416   -9.689  1.00 44.82 ? 15  DA  B "O3'" 1 
ATOM   293 C  "C2'" . DA  B 1 3  ? 0.871   5.403   -9.342  1.00 33.61 ? 15  DA  B "C2'" 1 
ATOM   294 C  "C1'" . DA  B 1 3  ? -0.547  5.736   -9.806  1.00 37.98 ? 15  DA  B "C1'" 1 
ATOM   295 N  N9    . DA  B 1 3  ? -1.536  5.721   -8.731  1.00 33.62 ? 15  DA  B N9    1 
ATOM   296 C  C8    . DA  B 1 3  ? -2.378  4.703   -8.405  1.00 32.82 ? 15  DA  B C8    1 
ATOM   297 N  N7    . DA  B 1 3  ? -3.177  4.982   -7.394  1.00 36.80 ? 15  DA  B N7    1 
ATOM   298 C  C5    . DA  B 1 3  ? -2.838  6.278   -7.046  1.00 31.55 ? 15  DA  B C5    1 
ATOM   299 C  C6    . DA  B 1 3  ? -3.315  7.148   -6.054  1.00 30.63 ? 15  DA  B C6    1 
ATOM   300 N  N6    . DA  B 1 3  ? -4.290  6.827   -5.200  1.00 29.09 ? 15  DA  B N6    1 
ATOM   301 N  N1    . DA  B 1 3  ? -2.752  8.365   -5.971  1.00 32.23 ? 15  DA  B N1    1 
ATOM   302 C  C2    . DA  B 1 3  ? -1.785  8.685   -6.829  1.00 33.12 ? 15  DA  B C2    1 
ATOM   303 N  N3    . DA  B 1 3  ? -1.258  7.956   -7.797  1.00 35.48 ? 15  DA  B N3    1 
ATOM   304 C  C4    . DA  B 1 3  ? -1.830  6.749   -7.854  1.00 32.60 ? 15  DA  B C4    1 
ATOM   305 P  P     . DC  B 1 4  ? 2.885   2.554   -8.511  1.00 47.65 ? 16  DC  B P     1 
ATOM   306 O  OP1   . DC  B 1 4  ? 4.137   1.997   -9.055  1.00 53.36 ? 16  DC  B OP1   1 
ATOM   307 O  OP2   . DC  B 1 4  ? 1.886   1.635   -7.915  1.00 48.10 ? 16  DC  B OP2   1 
ATOM   308 O  "O5'" . DC  B 1 4  ? 3.225   3.646   -7.403  1.00 42.90 ? 16  DC  B "O5'" 1 
ATOM   309 C  "C5'" . DC  B 1 4  ? 4.255   4.585   -7.643  1.00 41.01 ? 16  DC  B "C5'" 1 
ATOM   310 C  "C4'" . DC  B 1 4  ? 4.082   5.811   -6.772  1.00 39.21 ? 16  DC  B "C4'" 1 
ATOM   311 O  "O4'" . DC  B 1 4  ? 2.754   6.373   -6.969  1.00 39.99 ? 16  DC  B "O4'" 1 
ATOM   312 C  "C3'" . DC  B 1 4  ? 4.137   5.572   -5.281  1.00 38.77 ? 16  DC  B "C3'" 1 
ATOM   313 O  "O3'" . DC  B 1 4  ? 5.493   5.414   -4.833  1.00 46.46 ? 16  DC  B "O3'" 1 
ATOM   314 C  "C2'" . DC  B 1 4  ? 3.517   6.871   -4.788  1.00 34.51 ? 16  DC  B "C2'" 1 
ATOM   315 C  "C1'" . DC  B 1 4  ? 2.346   7.016   -5.769  1.00 36.98 ? 16  DC  B "C1'" 1 
ATOM   316 N  N1    . DC  B 1 4  ? 1.081   6.372   -5.268  1.00 33.62 ? 16  DC  B N1    1 
ATOM   317 C  C2    . DC  B 1 4  ? 0.278   7.068   -4.361  1.00 33.46 ? 16  DC  B C2    1 
ATOM   318 O  O2    . DC  B 1 4  ? 0.613   8.201   -4.016  1.00 35.58 ? 16  DC  B O2    1 
ATOM   319 N  N3    . DC  B 1 4  ? -0.860  6.492   -3.905  1.00 31.42 ? 16  DC  B N3    1 
ATOM   320 C  C4    . DC  B 1 4  ? -1.189  5.262   -4.296  1.00 32.53 ? 16  DC  B C4    1 
ATOM   321 N  N4    . DC  B 1 4  ? -2.319  4.741   -3.807  1.00 32.70 ? 16  DC  B N4    1 
ATOM   322 C  C5    . DC  B 1 4  ? -0.384  4.524   -5.219  1.00 32.60 ? 16  DC  B C5    1 
ATOM   323 C  C6    . DC  B 1 4  ? 0.738   5.115   -5.670  1.00 34.03 ? 16  DC  B C6    1 
ATOM   324 P  P     . DC  B 1 5  ? 5.826   4.510   -3.540  1.00 44.26 ? 17  DC  B P     1 
ATOM   325 O  OP1   . DC  B 1 5  ? 7.277   4.252   -3.569  1.00 50.71 ? 17  DC  B OP1   1 
ATOM   326 O  OP2   . DC  B 1 5  ? 4.910   3.346   -3.483  1.00 41.27 ? 17  DC  B OP2   1 
ATOM   327 O  "O5'" . DC  B 1 5  ? 5.439   5.447   -2.303  1.00 40.51 ? 17  DC  B "O5'" 1 
ATOM   328 C  "C5'" . DC  B 1 5  ? 6.056   6.711   -2.150  1.00 38.25 ? 17  DC  B "C5'" 1 
ATOM   329 C  "C4'" . DC  B 1 5  ? 5.313   7.576   -1.142  1.00 39.49 ? 17  DC  B "C4'" 1 
ATOM   330 O  "O4'" . DC  B 1 5  ? 3.983   7.903   -1.641  1.00 37.28 ? 17  DC  B "O4'" 1 
ATOM   331 C  "C3'" . DC  B 1 5  ? 5.066   6.953   0.228   1.00 37.01 ? 17  DC  B "C3'" 1 
ATOM   332 O  "O3'" . DC  B 1 5  ? 6.226   7.086   1.046   1.00 39.12 ? 17  DC  B "O3'" 1 
ATOM   333 C  "C2'" . DC  B 1 5  ? 3.937   7.844   0.733   1.00 36.00 ? 17  DC  B "C2'" 1 
ATOM   334 C  "C1'" . DC  B 1 5  ? 3.092   8.020   -0.537  1.00 37.65 ? 17  DC  B "C1'" 1 
ATOM   335 N  N1    . DC  B 1 5  ? 1.997   6.985   -0.659  1.00 30.36 ? 17  DC  B N1    1 
ATOM   336 C  C2    . DC  B 1 5  ? 0.843   7.137   0.106   1.00 31.95 ? 17  DC  B C2    1 
ATOM   337 O  O2    . DC  B 1 5  ? 0.749   8.118   0.855   1.00 30.81 ? 17  DC  B O2    1 
ATOM   338 N  N3    . DC  B 1 5  ? -0.144  6.201   0.014   1.00 31.86 ? 17  DC  B N3    1 
ATOM   339 C  C4    . DC  B 1 5  ? -0.004  5.156   -0.799  1.00 28.34 ? 17  DC  B C4    1 
ATOM   340 N  N4    . DC  B 1 5  ? -1.003  4.266   -0.842  1.00 30.08 ? 17  DC  B N4    1 
ATOM   341 C  C5    . DC  B 1 5  ? 1.178   4.966   -1.588  1.00 30.36 ? 17  DC  B C5    1 
ATOM   342 C  C6    . DC  B 1 5  ? 2.150   5.899   -1.485  1.00 33.29 ? 17  DC  B C6    1 
ATOM   343 P  P     . DT  B 1 6  ? 6.570   6.019   2.204   1.00 42.81 ? 18  DT  B P     1 
ATOM   344 O  OP1   . DT  B 1 6  ? 7.772   6.541   2.879   1.00 47.23 ? 18  DT  B OP1   1 
ATOM   345 O  OP2   . DT  B 1 6  ? 6.589   4.638   1.667   1.00 39.51 ? 18  DT  B OP2   1 
ATOM   346 O  "O5'" . DT  B 1 6  ? 5.321   6.101   3.204   1.00 41.26 ? 18  DT  B "O5'" 1 
ATOM   347 C  "C5'" . DT  B 1 6  ? 5.134   7.229   4.031   1.00 38.41 ? 18  DT  B "C5'" 1 
ATOM   348 C  "C4'" . DT  B 1 6  ? 3.825   7.119   4.789   1.00 38.28 ? 18  DT  B "C4'" 1 
ATOM   349 O  "O4'" . DT  B 1 6  ? 2.712   7.115   3.850   1.00 36.59 ? 18  DT  B "O4'" 1 
ATOM   350 C  "C3'" . DT  B 1 6  ? 3.632   5.833   5.560   1.00 34.83 ? 18  DT  B "C3'" 1 
ATOM   351 O  "O3'" . DT  B 1 6  ? 4.329   5.867   6.784   1.00 34.89 ? 18  DT  B "O3'" 1 
ATOM   352 C  "C2'" . DT  B 1 6  ? 2.124   5.859   5.772   1.00 34.89 ? 18  DT  B "C2'" 1 
ATOM   353 C  "C1'" . DT  B 1 6  ? 1.655   6.331   4.392   1.00 33.67 ? 18  DT  B "C1'" 1 
ATOM   354 N  N1    . DT  B 1 6  ? 1.344   5.198   3.465   1.00 29.59 ? 18  DT  B N1    1 
ATOM   355 C  C2    . DT  B 1 6  ? 0.108   4.614   3.552   1.00 30.96 ? 18  DT  B C2    1 
ATOM   356 O  O2    . DT  B 1 6  ? -0.745  4.980   4.349   1.00 31.06 ? 18  DT  B O2    1 
ATOM   357 N  N3    . DT  B 1 6  ? -0.100  3.583   2.682   1.00 29.52 ? 18  DT  B N3    1 
ATOM   358 C  C4    . DT  B 1 6  ? 0.793   3.086   1.751   1.00 31.98 ? 18  DT  B C4    1 
ATOM   359 O  O4    . DT  B 1 6  ? 0.519   2.162   1.000   1.00 30.82 ? 18  DT  B O4    1 
ATOM   360 C  C5    . DT  B 1 6  ? 2.076   3.737   1.720   1.00 32.92 ? 18  DT  B C5    1 
ATOM   361 C  C7    . DT  B 1 6  ? 3.121   3.264   0.757   1.00 30.34 ? 18  DT  B C7    1 
ATOM   362 C  C6    . DT  B 1 6  ? 2.291   4.752   2.569   1.00 28.42 ? 18  DT  B C6    1 
ATOM   363 P  P     . DT  B 1 7  ? 4.673   4.497   7.546   1.00 38.87 ? 19  DT  B P     1 
ATOM   364 O  OP1   . DT  B 1 7  ? 5.595   4.879   8.638   1.00 45.25 ? 19  DT  B OP1   1 
ATOM   365 O  OP2   . DT  B 1 7  ? 5.035   3.455   6.565   1.00 35.42 ? 19  DT  B OP2   1 
ATOM   366 O  "O5'" . DT  B 1 7  ? 3.286   4.031   8.185   1.00 34.19 ? 19  DT  B "O5'" 1 
ATOM   367 C  "C5'" . DT  B 1 7  ? 2.704   4.760   9.232   1.00 34.72 ? 19  DT  B "C5'" 1 
ATOM   368 C  "C4'" . DT  B 1 7  ? 1.531   3.995   9.819   1.00 34.29 ? 19  DT  B "C4'" 1 
ATOM   369 O  "O4'" . DT  B 1 7  ? 0.467   3.912   8.838   1.00 32.73 ? 19  DT  B "O4'" 1 
ATOM   370 C  "C3'" . DT  B 1 7  ? 1.808   2.551   10.180  1.00 34.17 ? 19  DT  B "C3'" 1 
ATOM   371 O  "O3'" . DT  B 1 7  ? 2.425   2.461   11.454  1.00 39.37 ? 19  DT  B "O3'" 1 
ATOM   372 C  "C2'" . DT  B 1 7  ? 0.401   1.981   10.206  1.00 32.01 ? 19  DT  B "C2'" 1 
ATOM   373 C  "C1'" . DT  B 1 7  ? -0.230  2.696   9.011   1.00 32.89 ? 19  DT  B "C1'" 1 
ATOM   374 N  N1    . DT  B 1 7  ? -0.139  1.917   7.754   1.00 30.38 ? 19  DT  B N1    1 
ATOM   375 C  C2    . DT  B 1 7  ? -1.057  0.932   7.537   1.00 30.56 ? 19  DT  B C2    1 
ATOM   376 O  O2    . DT  B 1 7  ? -1.941  0.672   8.327   1.00 30.57 ? 19  DT  B O2    1 
ATOM   377 N  N3    . DT  B 1 7  ? -0.908  0.255   6.362   1.00 28.18 ? 19  DT  B N3    1 
ATOM   378 C  C4    . DT  B 1 7  ? 0.055   0.464   5.404   1.00 29.44 ? 19  DT  B C4    1 
ATOM   379 O  O4    . DT  B 1 7  ? 0.098   -0.196  4.374   1.00 28.87 ? 19  DT  B O4    1 
ATOM   380 C  C5    . DT  B 1 7  ? 1.009   1.506   5.699   1.00 30.41 ? 19  DT  B C5    1 
ATOM   381 C  C7    . DT  B 1 7  ? 2.106   1.814   4.728   1.00 29.81 ? 19  DT  B C7    1 
ATOM   382 C  C6    . DT  B 1 7  ? 0.864   2.184   6.847   1.00 29.90 ? 19  DT  B C6    1 
ATOM   383 P  P     . DG  B 1 8  ? 3.434   1.247   11.778  1.00 37.69 ? 20  DG  B P     1 
ATOM   384 O  OP1   . DG  B 1 8  ? 3.910   1.519   13.150  1.00 39.09 ? 20  DG  B OP1   1 
ATOM   385 O  OP2   . DG  B 1 8  ? 4.362   1.100   10.632  1.00 38.27 ? 20  DG  B OP2   1 
ATOM   386 O  "O5'" . DG  B 1 8  ? 2.524   -0.062  11.803  1.00 36.06 ? 20  DG  B "O5'" 1 
ATOM   387 C  "C5'" . DG  B 1 8  ? 1.591   -0.254  12.843  1.00 34.69 ? 20  DG  B "C5'" 1 
ATOM   388 C  "C4'" . DG  B 1 8  ? 0.660   -1.413  12.533  1.00 36.81 ? 20  DG  B "C4'" 1 
ATOM   389 O  "O4'" . DG  B 1 8  ? -0.094  -1.127  11.330  1.00 35.30 ? 20  DG  B "O4'" 1 
ATOM   390 C  "C3'" . DG  B 1 8  ? 1.331   -2.742  12.240  1.00 34.87 ? 20  DG  B "C3'" 1 
ATOM   391 O  "O3'" . DG  B 1 8  ? 1.662   -3.401  13.441  1.00 40.83 ? 20  DG  B "O3'" 1 
ATOM   392 C  "C2'" . DG  B 1 8  ? 0.211   -3.473  11.512  1.00 31.85 ? 20  DG  B "C2'" 1 
ATOM   393 C  "C1'" . DG  B 1 8  ? -0.366  -2.349  10.653  1.00 33.01 ? 20  DG  B "C1'" 1 
ATOM   394 N  N9    . DG  B 1 8  ? 0.235   -2.295  9.335   1.00 32.42 ? 20  DG  B N9    1 
ATOM   395 C  C8    . DG  B 1 8  ? 1.233   -1.451  8.899   1.00 29.69 ? 20  DG  B C8    1 
ATOM   396 N  N7    . DG  B 1 8  ? 1.572   -1.658  7.654   1.00 31.58 ? 20  DG  B N7    1 
ATOM   397 C  C5    . DG  B 1 8  ? 0.743   -2.704  7.249   1.00 32.68 ? 20  DG  B C5    1 
ATOM   398 C  C6    . DG  B 1 8  ? 0.642   -3.359  6.007   1.00 30.07 ? 20  DG  B C6    1 
ATOM   399 O  O6    . DG  B 1 8  ? 1.284   -3.147  4.979   1.00 28.78 ? 20  DG  B O6    1 
ATOM   400 N  N1    . DG  B 1 8  ? -0.330  -4.354  6.027   1.00 29.14 ? 20  DG  B N1    1 
ATOM   401 C  C2    . DG  B 1 8  ? -1.098  -4.674  7.118   1.00 31.51 ? 20  DG  B C2    1 
ATOM   402 N  N2    . DG  B 1 8  ? -1.993  -5.661  6.955   1.00 30.56 ? 20  DG  B N2    1 
ATOM   403 N  N3    . DG  B 1 8  ? -1.005  -4.072  8.284   1.00 28.11 ? 20  DG  B N3    1 
ATOM   404 C  C4    . DG  B 1 8  ? -0.076  -3.102  8.275   1.00 30.21 ? 20  DG  B C4    1 
ATOM   405 P  P     . DG  B 1 9  ? 2.791   -4.548  13.444  1.00 46.23 ? 21  DG  B P     1 
ATOM   406 O  OP1   . DG  B 1 9  ? 2.642   -5.256  14.732  1.00 49.06 ? 21  DG  B OP1   1 
ATOM   407 O  OP2   . DG  B 1 9  ? 4.072   -3.923  13.049  1.00 45.26 ? 21  DG  B OP2   1 
ATOM   408 O  "O5'" . DG  B 1 9  ? 2.430   -5.473  12.187  1.00 41.87 ? 21  DG  B "O5'" 1 
ATOM   409 C  "C5'" . DG  B 1 9  ? 2.166   -6.802  12.361  1.00 38.10 ? 21  DG  B "C5'" 1 
ATOM   410 C  "C4'" . DG  B 1 9  ? 1.465   -7.405  11.153  1.00 39.48 ? 21  DG  B "C4'" 1 
ATOM   411 O  "O4'" . DG  B 1 9  ? 1.223   -6.434  10.114  1.00 35.80 ? 21  DG  B "O4'" 1 
ATOM   412 C  "C3'" . DG  B 1 9  ? 2.233   -8.481  10.440  1.00 34.08 ? 21  DG  B "C3'" 1 
ATOM   413 O  "O3'" . DG  B 1 9  ? 2.183   -9.658  11.202  1.00 39.88 ? 21  DG  B "O3'" 1 
ATOM   414 C  "C2'" . DG  B 1 9  ? 1.417   -8.604  9.152   1.00 33.16 ? 21  DG  B "C2'" 1 
ATOM   415 C  "C1'" . DG  B 1 9  ? 0.975   -7.147  8.907   1.00 33.92 ? 21  DG  B "C1'" 1 
ATOM   416 N  N9    . DG  B 1 9  ? 1.711   -6.513  7.817   1.00 30.34 ? 21  DG  B N9    1 
ATOM   417 C  C8    . DG  B 1 9  ? 2.641   -5.500  7.919   1.00 29.32 ? 21  DG  B C8    1 
ATOM   418 N  N7    . DG  B 1 9  ? 3.144   -5.143  6.766   1.00 30.70 ? 21  DG  B N7    1 
ATOM   419 C  C5    . DG  B 1 9  ? 2.513   -5.977  5.844   1.00 30.16 ? 21  DG  B C5    1 
ATOM   420 C  C6    . DG  B 1 9  ? 2.644   -6.059  4.431   1.00 30.07 ? 21  DG  B C6    1 
ATOM   421 O  O6    . DG  B 1 9  ? 3.375   -5.403  3.684   1.00 28.64 ? 21  DG  B O6    1 
ATOM   422 N  N1    . DG  B 1 9  ? 1.827   -7.034  3.890   1.00 30.33 ? 21  DG  B N1    1 
ATOM   423 C  C2    . DG  B 1 9  ? 0.980   -7.838  4.601   1.00 33.21 ? 21  DG  B C2    1 
ATOM   424 N  N2    . DG  B 1 9  ? 0.271   -8.717  3.876   1.00 30.58 ? 21  DG  B N2    1 
ATOM   425 N  N3    . DG  B 1 9  ? 0.825   -7.772  5.927   1.00 31.44 ? 21  DG  B N3    1 
ATOM   426 C  C4    . DG  B 1 9  ? 1.638   -6.835  6.481   1.00 29.68 ? 21  DG  B C4    1 
ATOM   427 P  P     . DT  B 1 10 ? 3.363   -10.744 11.107  1.00 40.87 ? 22  DT  B P     1 
ATOM   428 O  OP1   . DT  B 1 10 ? 3.218   -11.620 12.284  1.00 39.12 ? 22  DT  B OP1   1 
ATOM   429 O  OP2   . DT  B 1 10 ? 4.638   -10.046 10.834  1.00 36.61 ? 22  DT  B OP2   1 
ATOM   430 O  "O5'" . DT  B 1 10 ? 2.960   -11.597 9.828   1.00 36.74 ? 22  DT  B "O5'" 1 
ATOM   431 C  "C5'" . DT  B 1 10 ? 1.750   -12.318 9.834   1.00 35.48 ? 22  DT  B "C5'" 1 
ATOM   432 C  "C4'" . DT  B 1 10 ? 1.594   -13.081 8.545   1.00 39.72 ? 22  DT  B "C4'" 1 
ATOM   433 O  "O4'" . DT  B 1 10 ? 1.633   -12.140 7.445   1.00 38.90 ? 22  DT  B "O4'" 1 
ATOM   434 C  "C3'" . DT  B 1 10 ? 2.701   -14.095 8.271   1.00 39.65 ? 22  DT  B "C3'" 1 
ATOM   435 O  "O3'" . DT  B 1 10 ? 2.165   -15.219 7.632   1.00 48.48 ? 22  DT  B "O3'" 1 
ATOM   436 C  "C2'" . DT  B 1 10 ? 3.643   -13.340 7.344   1.00 40.66 ? 22  DT  B "C2'" 1 
ATOM   437 C  "C1'" . DT  B 1 10 ? 2.661   -12.496 6.546   1.00 41.71 ? 22  DT  B "C1'" 1 
ATOM   438 N  N1    . DT  B 1 10 ? 3.277   -11.254 6.000   1.00 33.39 ? 22  DT  B N1    1 
ATOM   439 C  C2    . DT  B 1 10 ? 3.223   -11.029 4.653   1.00 35.62 ? 22  DT  B C2    1 
ATOM   440 O  O2    . DT  B 1 10 ? 2.675   -11.786 3.881   1.00 40.18 ? 22  DT  B O2    1 
ATOM   441 N  N3    . DT  B 1 10 ? 3.836   -9.883  4.233   1.00 32.90 ? 22  DT  B N3    1 
ATOM   442 C  C4    . DT  B 1 10 ? 4.488   -8.957  5.016   1.00 31.36 ? 22  DT  B C4    1 
ATOM   443 O  O4    . DT  B 1 10 ? 5.009   -7.961  4.541   1.00 32.86 ? 22  DT  B O4    1 
ATOM   444 C  C5    . DT  B 1 10 ? 4.519   -9.254  6.431   1.00 33.90 ? 22  DT  B C5    1 
ATOM   445 C  C7    . DT  B 1 10 ? 5.195   -8.317  7.385   1.00 30.60 ? 22  DT  B C7    1 
ATOM   446 C  C6    . DT  B 1 10 ? 3.919   -10.380 6.851   1.00 32.10 ? 22  DT  B C6    1 
ATOM   447 P  P     . DC  B 1 11 ? 3.030   -16.572 7.528   1.00 49.14 ? 23  DC  B P     1 
ATOM   448 O  OP1   . DC  B 1 11 ? 2.041   -17.665 7.653   1.00 48.76 ? 23  DC  B OP1   1 
ATOM   449 O  OP2   . DC  B 1 11 ? 4.181   -16.482 8.447   1.00 44.85 ? 23  DC  B OP2   1 
ATOM   450 O  "O5'" . DC  B 1 11 ? 3.623   -16.530 6.039   1.00 44.65 ? 23  DC  B "O5'" 1 
ATOM   451 C  "C5'" . DC  B 1 11 ? 2.742   -16.581 4.934   1.00 43.85 ? 23  DC  B "C5'" 1 
ATOM   452 C  "C4'" . DC  B 1 11 ? 3.464   -16.229 3.648   1.00 47.23 ? 23  DC  B "C4'" 1 
ATOM   453 O  "O4'" . DC  B 1 11 ? 3.835   -14.824 3.660   1.00 42.45 ? 23  DC  B "O4'" 1 
ATOM   454 C  "C3'" . DC  B 1 11 ? 4.763   -17.010 3.392   1.00 43.03 ? 23  DC  B "C3'" 1 
ATOM   455 O  "O3'" . DC  B 1 11 ? 4.725   -17.578 2.098   1.00 54.63 ? 23  DC  B "O3'" 1 
ATOM   456 C  "C2'" . DC  B 1 11 ? 5.846   -15.941 3.482   1.00 46.52 ? 23  DC  B "C2'" 1 
ATOM   457 C  "C1'" . DC  B 1 11 ? 5.079   -14.705 3.033   1.00 42.24 ? 23  DC  B "C1'" 1 
ATOM   458 N  N1    . DC  B 1 11 ? 5.714   -13.442 3.459   1.00 37.55 ? 23  DC  B N1    1 
ATOM   459 C  C2    . DC  B 1 11 ? 5.989   -12.458 2.515   1.00 37.61 ? 23  DC  B C2    1 
ATOM   460 O  O2    . DC  B 1 11 ? 5.667   -12.652 1.335   1.00 36.48 ? 23  DC  B O2    1 
ATOM   461 N  N3    . DC  B 1 11 ? 6.587   -11.308 2.919   1.00 33.65 ? 23  DC  B N3    1 
ATOM   462 C  C4    . DC  B 1 11 ? 6.913   -11.144 4.193   1.00 34.92 ? 23  DC  B C4    1 
ATOM   463 N  N4    . DC  B 1 11 ? 7.513   -9.995  4.544   1.00 34.83 ? 23  DC  B N4    1 
ATOM   464 C  C5    . DC  B 1 11 ? 6.650   -12.148 5.169   1.00 38.00 ? 23  DC  B C5    1 
ATOM   465 C  C6    . DC  B 1 11 ? 6.062   -13.269 4.762   1.00 35.83 ? 23  DC  B C6    1 
ATOM   466 P  P     . DC  B 1 12 ? 5.876   -18.602 1.625   1.00 60.00 ? 24  DC  B P     1 
ATOM   467 O  OP1   . DC  B 1 12 ? 5.162   -19.727 0.976   1.00 54.46 ? 24  DC  B OP1   1 
ATOM   468 O  OP2   . DC  B 1 12 ? 6.833   -18.818 2.739   1.00 45.09 ? 24  DC  B OP2   1 
ATOM   469 O  "O5'" . DC  B 1 12 ? 6.687   -17.779 0.528   1.00 53.80 ? 24  DC  B "O5'" 1 
ATOM   470 C  "C5'" . DC  B 1 12 ? 5.987   -17.014 -0.439  1.00 50.90 ? 24  DC  B "C5'" 1 
ATOM   471 C  "C4'" . DC  B 1 12 ? 6.962   -16.270 -1.327  1.00 46.13 ? 24  DC  B "C4'" 1 
ATOM   472 O  "O4'" . DC  B 1 12 ? 7.392   -15.055 -0.669  1.00 45.14 ? 24  DC  B "O4'" 1 
ATOM   473 C  "C3'" . DC  B 1 12 ? 8.239   -17.039 -1.664  1.00 48.50 ? 24  DC  B "C3'" 1 
ATOM   474 O  "O3'" . DC  B 1 12 ? 8.544   -16.850 -3.040  1.00 52.43 ? 24  DC  B "O3'" 1 
ATOM   475 C  "C2'" . DC  B 1 12 ? 9.295   -16.394 -0.747  1.00 42.15 ? 24  DC  B "C2'" 1 
ATOM   476 C  "C1'" . DC  B 1 12 ? 8.800   -14.959 -0.727  1.00 40.82 ? 24  DC  B "C1'" 1 
ATOM   477 N  N1    . DC  B 1 12 ? 9.237   -14.133 0.440   1.00 37.59 ? 24  DC  B N1    1 
ATOM   478 C  C2    . DC  B 1 12 ? 9.895   -12.927 0.207   1.00 33.52 ? 24  DC  B C2    1 
ATOM   479 O  O2    . DC  B 1 12 ? 10.160  -12.599 -0.960  1.00 34.03 ? 24  DC  B O2    1 
ATOM   480 N  N3    . DC  B 1 12 ? 10.239  -12.154 1.262   1.00 33.25 ? 24  DC  B N3    1 
ATOM   481 C  C4    . DC  B 1 12 ? 9.942   -12.539 2.502   1.00 34.35 ? 24  DC  B C4    1 
ATOM   482 N  N4    . DC  B 1 12 ? 10.313  -11.736 3.508   1.00 34.47 ? 24  DC  B N4    1 
ATOM   483 C  C5    . DC  B 1 12 ? 9.262   -13.763 2.766   1.00 34.45 ? 24  DC  B C5    1 
ATOM   484 C  C6    . DC  B 1 12 ? 8.921   -14.518 1.713   1.00 35.49 ? 24  DC  B C6    1 
HETATM 485 AU AU    . AU  C 2 .  ? -0.200  -0.080  -0.204  0.78 34.21 ? 101 AU  A AU    1 
HETATM 486 AU AU    . AU  D 2 .  ? -5.714  4.912   -0.731  0.64 36.97 ? 102 AU  A AU    1 
HETATM 487 AU AU    A AU  E 2 .  ? 6.075   -3.563  3.843   0.28 33.06 ? 101 AU  B AU    1 
HETATM 488 AU AU    B AU  E 2 .  ? 4.593   -3.409  4.655   0.52 64.04 ? 101 AU  B AU    1 
HETATM 489 O  O     . HOH F 3 .  ? -6.557  13.493  -17.123 1.00 38.19 ? 201 HOH A O     1 
HETATM 490 O  O     . HOH F 3 .  ? -6.934  7.205   -2.028  1.00 32.62 ? 202 HOH A O     1 
HETATM 491 O  O     . HOH F 3 .  ? -4.432  8.943   -13.410 1.00 40.10 ? 203 HOH A O     1 
HETATM 492 O  O     . HOH F 3 .  ? -0.965  -4.140  -2.252  1.00 37.83 ? 204 HOH A O     1 
HETATM 493 O  O     . HOH F 3 .  ? 3.475   -4.254  -3.841  1.00 43.63 ? 205 HOH A O     1 
HETATM 494 O  O     . HOH F 3 .  ? -2.685  1.192   0.394   1.00 26.79 ? 206 HOH A O     1 
HETATM 495 O  O     . HOH F 3 .  ? -0.614  11.404  1.473   1.00 36.09 ? 207 HOH A O     1 
HETATM 496 O  O     . HOH F 3 .  ? -6.532  3.466   1.482   1.00 35.74 ? 208 HOH A O     1 
HETATM 497 O  O     . HOH F 3 .  ? -8.133  2.338   3.529   1.00 41.81 ? 209 HOH A O     1 
HETATM 498 O  O     . HOH F 3 .  ? 7.115   -5.139  2.146   1.00 36.40 ? 210 HOH A O     1 
HETATM 499 O  O     . HOH F 3 .  ? 0.668   -2.828  -0.444  1.00 26.07 ? 211 HOH A O     1 
HETATM 500 O  O     . HOH F 3 .  ? -8.929  5.362   3.328   1.00 42.42 ? 212 HOH A O     1 
HETATM 501 O  O     . HOH F 3 .  ? -7.340  5.676   0.719   1.00 40.10 ? 213 HOH A O     1 
HETATM 502 O  O     . HOH F 3 .  ? 12.053  -5.547  4.986   1.00 41.28 ? 214 HOH A O     1 
HETATM 503 O  O     . HOH F 3 .  ? -7.217  -1.405  1.156   1.00 40.32 ? 215 HOH A O     1 
HETATM 504 O  O     . HOH F 3 .  ? 3.454   -2.785  -1.232  1.00 41.21 ? 216 HOH A O     1 
HETATM 505 O  O     . HOH F 3 .  ? 11.830  -8.070  5.639   1.00 45.32 ? 217 HOH A O     1 
HETATM 506 O  O     . HOH F 3 .  ? -6.161  4.452   -3.012  1.00 39.79 ? 218 HOH A O     1 
HETATM 507 O  O     . HOH F 3 .  ? -1.881  -1.024  -1.988  1.00 30.70 ? 219 HOH A O     1 
HETATM 508 O  O     . HOH F 3 .  ? -8.826  8.481   0.161   1.00 44.57 ? 220 HOH A O     1 
HETATM 509 O  O     . HOH F 3 .  ? -5.113  0.248   -0.176  1.00 34.53 ? 221 HOH A O     1 
HETATM 510 O  O     . HOH F 3 .  ? 7.915   0.238   -6.481  1.00 37.65 ? 222 HOH A O     1 
HETATM 511 O  O     . HOH F 3 .  ? -9.331  3.580   1.496   1.00 33.38 ? 223 HOH A O     1 
HETATM 512 O  O     . HOH F 3 .  ? 2.244   -3.613  -9.703  1.00 52.45 ? 224 HOH A O     1 
HETATM 513 O  O     . HOH F 3 .  ? -8.087  4.475   -1.464  1.00 49.50 ? 225 HOH A O     1 
HETATM 514 O  O     . HOH G 3 .  ? 5.112   1.067   7.421   1.00 42.59 ? 201 HOH B O     1 
HETATM 515 O  O     . HOH G 3 .  ? -2.474  -5.211  10.036  1.00 34.87 ? 202 HOH B O     1 
HETATM 516 O  O     . HOH G 3 .  ? 1.289   -13.286 2.341   1.00 41.89 ? 203 HOH B O     1 
HETATM 517 O  O     . HOH G 3 .  ? 5.179   -1.203  9.689   1.00 49.07 ? 204 HOH B O     1 
HETATM 518 O  O     . HOH G 3 .  ? 6.490   -5.848  5.165   1.00 38.15 ? 205 HOH B O     1 
HETATM 519 O  O     . HOH G 3 .  ? 1.944   9.983   2.346   1.00 39.27 ? 206 HOH B O     1 
HETATM 520 O  O     . HOH G 3 .  ? 1.390   -0.742  2.095   1.00 27.98 ? 207 HOH B O     1 
HETATM 521 O  O     . HOH G 3 .  ? 8.390   -10.061 7.088   1.00 42.28 ? 208 HOH B O     1 
HETATM 522 O  O     . HOH G 3 .  ? 3.894   -0.859  6.513   1.00 38.73 ? 209 HOH B O     1 
HETATM 523 O  O     . HOH G 3 .  ? -3.450  -1.546  8.716   1.00 33.14 ? 210 HOH B O     1 
HETATM 524 O  O     . HOH G 3 .  ? 0.472   9.480   -9.302  1.00 41.50 ? 211 HOH B O     1 
HETATM 525 O  O     . HOH G 3 .  ? 5.369   3.299   3.755   1.00 43.29 ? 212 HOH B O     1 
HETATM 526 O  O     . HOH G 3 .  ? -9.251  3.707   -6.413  1.00 45.70 ? 213 HOH B O     1 
HETATM 527 O  O     . HOH G 3 .  ? -9.666  5.931   -5.786  1.00 44.74 ? 214 HOH B O     1 
HETATM 528 O  O     . HOH G 3 .  ? 2.953   3.817   14.554  1.00 40.91 ? 215 HOH B O     1 
HETATM 529 O  O     . HOH G 3 .  ? -0.452  1.852   -2.301  1.00 27.80 ? 216 HOH B O     1 
HETATM 530 O  O     . HOH G 3 .  ? 2.314   2.107   -3.377  1.00 40.67 ? 217 HOH B O     1 
HETATM 531 O  O     . HOH G 3 .  ? 9.882   -12.673 6.222   1.00 41.61 ? 218 HOH B O     1 
HETATM 532 O  O     . HOH G 3 .  ? 10.706  -18.717 -3.636  1.00 42.30 ? 219 HOH B O     1 
HETATM 533 O  O     . HOH G 3 .  ? -3.729  6.347   -12.788 1.00 40.82 ? 220 HOH B O     1 
HETATM 534 O  O     . HOH G 3 .  ? 5.470   -3.199  7.115   1.00 40.59 ? 221 HOH B O     1 
HETATM 535 O  O     . HOH G 3 .  ? -2.645  1.661   -4.038  1.00 37.32 ? 222 HOH B O     1 
HETATM 536 O  O     . HOH G 3 .  ? -3.913  3.087   -1.698  1.00 35.10 ? 223 HOH B O     1 
HETATM 537 O  O     . HOH G 3 .  ? 6.598   -11.601 8.922   1.00 41.17 ? 224 HOH B O     1 
HETATM 538 O  O     . HOH G 3 .  ? 9.305   2.648   -1.665  1.00 47.51 ? 225 HOH B O     1 
HETATM 539 O  O     . HOH G 3 .  ? 2.264   0.070   -1.358  1.00 29.17 ? 226 HOH B O     1 
HETATM 540 O  O     . HOH G 3 .  ? 10.156  -19.608 5.228   1.00 47.06 ? 227 HOH B O     1 
HETATM 541 O  O     . HOH G 3 .  ? 7.664   -5.309  7.812   1.00 42.44 ? 228 HOH B O     1 
HETATM 542 O  O     . HOH G 3 .  ? 6.343   -0.946  4.632   1.00 46.04 ? 229 HOH B O     1 
HETATM 543 O  O     . HOH G 3 .  ? 7.527   -2.819  8.640   1.00 37.21 ? 230 HOH B O     1 
# 
